data_5WY3
#
_entry.id   5WY3
#
_cell.length_a   91.052
_cell.length_b   91.052
_cell.length_c   554.758
_cell.angle_alpha   90.000
_cell.angle_beta   90.000
_cell.angle_gamma   120.000
#
_symmetry.space_group_name_H-M   'P 65 2 2'
#
_entity_poly.entity_id   1
_entity_poly.type   'polypeptide(L)'
_entity_poly.pdbx_seq_one_letter_code
;PSDEAMTVRPVDQRPSLDSTFERLSKLQPTATSCLAKDSESLFNDLCSVFLSAAVSESDLERFDATPVLSRPKAPSNSFY
LSFYLRVWCGPYPTLAKVAALERVKTRLKEGDCVDKDFQAIFPYCIAALSDPAKKVRRAAADLVAVLGSAYKSLEKSQQL
WAAKDLYGKTGTTSPLDKDALKALIRSVLIPCLEESVLHEDHVVAALVGALESSKDSENKNADKRHLSHSARLSIFKFLC
GHVVETPLLAVKLRLLRSLNQIRRISGTTRTDLLLPLLRWWAGLSANEAAELAAQESVDVPAIDDAVVDVVVPNHAAGLE
AFFQLVKEAIRPGLLQAIFARIAKMWPSMKSDTKYSTAKTLFELTQDPKLNAEQSDVITEAVEVLRKVDLTTDILHYFID
S
;
_entity_poly.pdbx_strand_id   A,B
#
# COMPACT_ATOMS: atom_id res chain seq x y z
N PRO A 15 -66.39 10.05 24.38
CA PRO A 15 -65.20 10.73 24.91
C PRO A 15 -63.88 10.22 24.28
N SER A 16 -63.23 11.05 23.44
CA SER A 16 -61.99 10.63 22.78
C SER A 16 -60.97 10.11 23.79
N LEU A 17 -60.55 10.96 24.73
CA LEU A 17 -59.49 10.61 25.68
C LEU A 17 -59.82 10.95 27.13
N ASP A 18 -61.10 11.07 27.50
CA ASP A 18 -61.41 11.68 28.81
C ASP A 18 -60.86 10.86 29.98
N SER A 19 -60.87 9.53 29.87
CA SER A 19 -60.36 8.70 30.95
C SER A 19 -58.90 9.04 31.25
N THR A 20 -58.07 9.02 30.20
CA THR A 20 -56.64 9.29 30.34
C THR A 20 -56.37 10.73 30.79
N PHE A 21 -57.05 11.73 30.18
CA PHE A 21 -56.85 13.13 30.57
C PHE A 21 -57.18 13.35 32.05
N GLU A 22 -58.20 12.65 32.56
CA GLU A 22 -58.49 12.80 33.99
C GLU A 22 -57.41 12.14 34.85
N ARG A 23 -56.85 11.00 34.39
CA ARG A 23 -55.71 10.39 35.10
C ARG A 23 -54.48 11.31 35.11
N LEU A 24 -54.20 12.01 34.01
CA LEU A 24 -53.06 12.93 33.96
C LEU A 24 -53.28 14.17 34.78
N SER A 25 -54.55 14.59 34.92
CA SER A 25 -54.92 15.73 35.74
C SER A 25 -54.28 15.65 37.13
N LYS A 26 -54.38 14.48 37.75
CA LYS A 26 -53.99 14.27 39.13
C LYS A 26 -52.48 14.19 39.35
N LEU A 27 -51.65 14.49 38.34
CA LEU A 27 -50.21 14.36 38.46
C LEU A 27 -49.60 15.72 38.71
N GLN A 28 -48.61 15.76 39.60
CA GLN A 28 -48.18 17.07 40.08
C GLN A 28 -46.99 17.58 39.27
N PRO A 29 -47.09 18.77 38.70
CA PRO A 29 -45.99 19.31 37.92
C PRO A 29 -44.75 19.48 38.78
N THR A 30 -43.62 19.58 38.09
CA THR A 30 -42.34 19.63 38.77
C THR A 30 -41.42 20.50 37.95
N ALA A 31 -40.28 20.80 38.52
CA ALA A 31 -39.31 21.63 37.83
C ALA A 31 -38.15 20.82 37.30
N THR A 32 -37.90 19.62 37.83
CA THR A 32 -36.90 18.76 37.25
C THR A 32 -37.25 18.55 35.79
N SER A 33 -36.34 18.93 34.90
CA SER A 33 -36.59 19.02 33.47
C SER A 33 -36.76 17.63 32.87
N CYS A 34 -37.26 17.59 31.63
CA CYS A 34 -37.33 16.31 30.93
C CYS A 34 -35.97 15.85 30.40
N LEU A 35 -35.09 16.77 30.05
CA LEU A 35 -33.76 16.38 29.58
C LEU A 35 -32.83 16.13 30.78
N ALA A 36 -33.42 15.77 31.92
CA ALA A 36 -32.73 15.50 33.19
C ALA A 36 -33.09 14.10 33.65
N LYS A 37 -32.48 13.69 34.77
CA LYS A 37 -32.48 12.26 35.07
C LYS A 37 -33.83 11.75 35.57
N ASP A 38 -34.33 12.30 36.66
CA ASP A 38 -35.38 11.62 37.40
C ASP A 38 -36.70 11.58 36.67
N SER A 39 -37.05 12.65 35.93
CA SER A 39 -38.38 12.74 35.34
C SER A 39 -38.49 11.86 34.11
N GLU A 40 -38.16 10.57 34.28
CA GLU A 40 -38.21 9.62 33.16
C GLU A 40 -39.58 8.97 32.94
N SER A 41 -40.10 8.28 33.96
CA SER A 41 -41.42 7.66 33.85
C SER A 41 -42.49 8.70 33.62
N LEU A 42 -42.33 9.89 34.23
CA LEU A 42 -43.23 11.00 33.94
C LEU A 42 -43.17 11.36 32.46
N PHE A 43 -41.96 11.55 31.93
CA PHE A 43 -41.87 11.92 30.53
C PHE A 43 -42.51 10.86 29.66
N ASN A 44 -42.09 9.60 29.83
CA ASN A 44 -42.65 8.49 29.08
C ASN A 44 -44.17 8.52 29.08
N ASP A 45 -44.76 8.71 30.26
CA ASP A 45 -46.21 8.79 30.41
C ASP A 45 -46.81 9.92 29.57
N LEU A 46 -46.36 11.16 29.82
CA LEU A 46 -46.81 12.31 29.04
C LEU A 46 -46.64 12.07 27.54
N CYS A 47 -45.52 11.47 27.14
CA CYS A 47 -45.22 11.30 25.72
C CYS A 47 -46.15 10.27 25.08
N SER A 48 -46.40 9.17 25.78
CA SER A 48 -47.37 8.18 25.29
C SER A 48 -48.70 8.84 25.01
N VAL A 49 -49.21 9.61 25.98
CA VAL A 49 -50.48 10.29 25.72
C VAL A 49 -50.35 11.24 24.53
N PHE A 50 -49.24 11.99 24.44
CA PHE A 50 -49.11 12.99 23.38
C PHE A 50 -49.18 12.38 22.00
N LEU A 51 -48.61 11.19 21.81
CA LEU A 51 -48.57 10.62 20.48
C LEU A 51 -49.96 10.32 19.95
N SER A 52 -50.89 10.04 20.86
CA SER A 52 -52.29 9.85 20.48
C SER A 52 -53.01 11.20 20.40
N ALA A 53 -52.63 12.17 21.23
CA ALA A 53 -53.29 13.45 21.23
C ALA A 53 -52.89 14.33 20.06
N ALA A 54 -51.75 14.05 19.43
CA ALA A 54 -51.26 14.99 18.42
C ALA A 54 -52.02 14.91 17.11
N VAL A 55 -52.87 13.90 16.91
CA VAL A 55 -53.60 13.77 15.67
C VAL A 55 -54.87 14.62 15.61
N SER A 56 -55.43 15.04 16.74
CA SER A 56 -56.62 15.87 16.77
C SER A 56 -56.29 17.20 17.43
N GLU A 57 -56.69 18.30 16.77
CA GLU A 57 -56.44 19.61 17.34
C GLU A 57 -57.17 19.79 18.66
N SER A 58 -58.32 19.13 18.82
CA SER A 58 -59.04 19.14 20.09
C SER A 58 -58.19 18.51 21.20
N ASP A 59 -57.76 17.27 21.01
CA ASP A 59 -56.94 16.60 22.01
C ASP A 59 -55.54 17.22 22.13
N LEU A 60 -54.99 17.77 21.03
CA LEU A 60 -53.73 18.51 21.13
C LEU A 60 -53.87 19.69 22.10
N GLU A 61 -54.97 20.45 22.01
CA GLU A 61 -55.13 21.57 22.93
C GLU A 61 -55.47 21.11 24.35
N ARG A 62 -56.37 20.12 24.51
CA ARG A 62 -56.58 19.57 25.86
C ARG A 62 -55.25 19.24 26.52
N PHE A 63 -54.39 18.51 25.79
CA PHE A 63 -53.10 18.07 26.32
C PHE A 63 -52.18 19.24 26.62
N ASP A 64 -51.90 20.07 25.62
CA ASP A 64 -51.06 21.25 25.74
C ASP A 64 -51.37 22.01 27.03
N ALA A 65 -52.64 22.00 27.43
CA ALA A 65 -53.21 22.71 28.56
C ALA A 65 -53.12 21.93 29.88
N THR A 66 -52.84 20.64 29.84
CA THR A 66 -52.82 19.81 31.03
C THR A 66 -51.85 20.41 32.07
N PRO A 67 -52.22 20.39 33.36
CA PRO A 67 -51.48 21.22 34.33
C PRO A 67 -50.08 20.72 34.64
N VAL A 68 -49.80 19.44 34.40
CA VAL A 68 -48.46 18.94 34.71
C VAL A 68 -47.44 19.44 33.69
N LEU A 69 -47.85 19.71 32.45
CA LEU A 69 -46.91 20.28 31.47
C LEU A 69 -46.42 21.66 31.88
N SER A 70 -47.28 22.44 32.53
CA SER A 70 -46.92 23.73 33.11
C SER A 70 -46.58 24.78 32.05
N ARG A 71 -47.31 24.81 30.94
CA ARG A 71 -47.58 26.10 30.34
C ARG A 71 -48.48 26.88 31.32
N PRO A 72 -48.46 28.21 31.29
CA PRO A 72 -47.41 29.10 30.81
C PRO A 72 -46.35 29.32 31.89
N LYS A 73 -45.94 28.26 32.58
CA LYS A 73 -44.87 28.41 33.57
C LYS A 73 -43.46 28.26 33.00
N ALA A 74 -43.26 27.68 31.82
CA ALA A 74 -41.97 27.88 31.15
C ALA A 74 -41.90 29.30 30.64
N PRO A 75 -40.83 30.07 30.92
CA PRO A 75 -39.49 29.79 31.43
C PRO A 75 -39.28 29.78 32.95
N SER A 76 -40.30 30.04 33.77
CA SER A 76 -40.11 29.82 35.21
C SER A 76 -39.67 28.37 35.45
N ASN A 77 -40.26 27.44 34.69
CA ASN A 77 -40.06 26.00 34.85
C ASN A 77 -39.50 25.49 33.53
N SER A 78 -38.38 24.78 33.60
CA SER A 78 -37.70 24.27 32.41
C SER A 78 -38.38 23.05 31.81
N PHE A 79 -39.51 22.61 32.39
CA PHE A 79 -40.14 21.36 32.01
C PHE A 79 -40.92 21.48 30.70
N TYR A 80 -41.78 22.49 30.59
CA TYR A 80 -42.66 22.56 29.43
C TYR A 80 -41.87 22.49 28.11
N LEU A 81 -40.91 23.38 27.91
CA LEU A 81 -40.14 23.34 26.66
C LEU A 81 -39.28 22.08 26.52
N SER A 82 -38.66 21.60 27.61
CA SER A 82 -37.80 20.43 27.45
C SER A 82 -38.60 19.22 26.97
N PHE A 83 -39.88 19.10 27.39
CA PHE A 83 -40.70 17.96 26.94
C PHE A 83 -40.85 17.92 25.43
N TYR A 84 -41.17 19.06 24.81
CA TYR A 84 -41.37 19.02 23.36
C TYR A 84 -40.04 18.90 22.64
N LEU A 85 -39.02 19.62 23.12
CA LEU A 85 -37.64 19.36 22.70
C LEU A 85 -37.34 17.87 22.60
N ARG A 86 -37.50 17.13 23.71
CA ARG A 86 -37.20 15.71 23.68
C ARG A 86 -38.08 14.99 22.67
N VAL A 87 -39.28 15.51 22.40
CA VAL A 87 -40.17 14.80 21.48
C VAL A 87 -39.79 14.97 19.99
N TRP A 88 -39.28 16.14 19.54
CA TRP A 88 -38.80 16.19 18.15
C TRP A 88 -37.74 15.13 17.92
N CYS A 89 -36.76 15.09 18.81
CA CYS A 89 -35.55 14.30 18.64
C CYS A 89 -35.73 12.91 19.25
N GLY A 90 -36.89 12.32 18.97
CA GLY A 90 -37.24 11.03 19.50
C GLY A 90 -37.83 10.13 18.44
N PRO A 91 -37.79 8.81 18.68
CA PRO A 91 -38.29 7.84 17.70
C PRO A 91 -39.81 7.89 17.57
N TYR A 92 -40.35 9.03 17.17
CA TYR A 92 -41.78 9.27 17.21
C TYR A 92 -42.25 9.69 15.84
N PRO A 93 -43.53 9.45 15.51
CA PRO A 93 -44.00 9.58 14.13
C PRO A 93 -43.91 11.02 13.65
N THR A 94 -44.01 11.19 12.33
CA THR A 94 -43.77 12.52 11.77
C THR A 94 -44.77 13.53 12.30
N LEU A 95 -46.05 13.16 12.36
CA LEU A 95 -47.03 14.13 12.83
C LEU A 95 -46.80 14.54 14.28
N ALA A 96 -46.14 13.71 15.10
CA ALA A 96 -45.89 14.08 16.50
C ALA A 96 -44.68 14.99 16.63
N LYS A 97 -43.64 14.77 15.82
CA LYS A 97 -42.53 15.72 15.79
C LYS A 97 -42.99 17.07 15.26
N VAL A 98 -43.77 17.08 14.18
CA VAL A 98 -44.29 18.35 13.66
C VAL A 98 -45.17 19.01 14.72
N ALA A 99 -46.05 18.24 15.36
CA ALA A 99 -46.89 18.77 16.44
C ALA A 99 -46.05 19.47 17.51
N ALA A 100 -44.96 18.82 17.95
CA ALA A 100 -44.12 19.42 18.99
C ALA A 100 -43.41 20.68 18.50
N LEU A 101 -42.87 20.64 17.28
CA LEU A 101 -42.24 21.83 16.73
C LEU A 101 -43.21 23.00 16.69
N GLU A 102 -44.44 22.72 16.27
CA GLU A 102 -45.48 23.74 16.17
C GLU A 102 -45.90 24.24 17.56
N ARG A 103 -46.11 23.33 18.52
CA ARG A 103 -46.47 23.73 19.88
C ARG A 103 -45.41 24.64 20.50
N VAL A 104 -44.13 24.41 20.21
CA VAL A 104 -43.14 25.33 20.78
C VAL A 104 -43.12 26.65 20.02
N LYS A 105 -43.24 26.62 18.69
CA LYS A 105 -43.28 27.88 17.92
C LYS A 105 -44.41 28.76 18.43
N THR A 106 -45.61 28.19 18.50
CA THR A 106 -46.78 28.89 19.02
C THR A 106 -46.57 29.35 20.46
N ARG A 107 -46.01 28.50 21.32
CA ARG A 107 -45.79 28.90 22.72
C ARG A 107 -44.80 30.04 22.86
N LEU A 108 -43.89 30.19 21.90
CA LEU A 108 -42.84 31.19 22.04
C LEU A 108 -43.12 32.50 21.29
N LYS A 109 -44.11 32.56 20.39
CA LYS A 109 -44.41 33.87 19.79
C LYS A 109 -45.18 34.77 20.77
N GLU A 110 -45.51 34.23 21.93
CA GLU A 110 -46.39 34.85 22.92
C GLU A 110 -45.55 35.74 23.82
N GLY A 111 -45.52 37.05 23.55
CA GLY A 111 -44.84 38.05 24.38
C GLY A 111 -44.66 37.80 25.87
N ASP A 112 -45.27 36.72 26.36
CA ASP A 112 -44.97 36.18 27.68
C ASP A 112 -43.48 35.85 27.83
N CYS A 113 -42.81 35.46 26.73
CA CYS A 113 -41.46 34.92 26.73
C CYS A 113 -40.43 35.82 26.05
N VAL A 114 -40.70 37.12 25.92
CA VAL A 114 -39.75 37.97 25.20
C VAL A 114 -38.67 38.48 26.16
N ASP A 115 -38.68 37.96 27.40
CA ASP A 115 -37.72 38.34 28.44
C ASP A 115 -36.61 37.30 28.65
N LYS A 116 -36.86 36.01 28.42
CA LYS A 116 -35.84 34.98 28.53
C LYS A 116 -35.23 34.64 27.18
N ASP A 117 -33.98 34.15 27.21
CA ASP A 117 -33.20 33.76 26.02
C ASP A 117 -33.27 32.24 25.84
N PHE A 118 -33.85 31.81 24.72
CA PHE A 118 -34.12 30.41 24.46
C PHE A 118 -33.10 29.76 23.54
N GLN A 119 -31.87 30.29 23.51
CA GLN A 119 -30.84 29.81 22.60
C GLN A 119 -30.54 28.32 22.76
N ALA A 120 -30.79 27.75 23.94
CA ALA A 120 -30.55 26.33 24.23
C ALA A 120 -31.45 25.45 23.38
N ILE A 121 -32.32 26.05 22.57
CA ILE A 121 -33.15 25.30 21.66
C ILE A 121 -32.48 25.10 20.31
N PHE A 122 -31.52 25.96 19.96
CA PHE A 122 -30.94 25.89 18.63
C PHE A 122 -30.27 24.55 18.32
N PRO A 123 -29.50 23.92 19.20
CA PRO A 123 -28.99 22.57 18.88
C PRO A 123 -30.11 21.67 18.38
N TYR A 124 -31.24 21.69 19.09
CA TYR A 124 -32.29 20.75 18.79
C TYR A 124 -33.00 21.10 17.49
N CYS A 125 -32.99 22.37 17.11
CA CYS A 125 -33.44 22.70 15.77
C CYS A 125 -32.46 22.21 14.73
N ILE A 126 -31.17 22.48 14.95
CA ILE A 126 -30.15 22.02 14.01
C ILE A 126 -30.26 20.51 13.83
N ALA A 127 -30.27 19.77 14.96
CA ALA A 127 -30.49 18.34 14.92
C ALA A 127 -31.77 18.01 14.17
N ALA A 128 -32.82 18.82 14.36
CA ALA A 128 -34.11 18.59 13.71
C ALA A 128 -34.09 18.86 12.21
N LEU A 129 -33.22 19.74 11.73
CA LEU A 129 -33.24 19.99 10.30
C LEU A 129 -32.58 18.86 9.51
N SER A 130 -31.79 18.01 10.18
CA SER A 130 -31.21 16.81 9.57
C SER A 130 -32.23 15.67 9.47
N ASP A 131 -33.44 15.87 9.98
CA ASP A 131 -34.46 14.84 9.97
C ASP A 131 -34.83 14.50 8.52
N PRO A 132 -35.15 13.25 8.23
CA PRO A 132 -35.52 12.91 6.84
C PRO A 132 -36.84 13.52 6.39
N ALA A 133 -37.88 13.48 7.24
CA ALA A 133 -39.20 13.93 6.82
C ALA A 133 -39.19 15.42 6.56
N LYS A 134 -39.59 15.81 5.35
CA LYS A 134 -39.59 17.22 4.95
C LYS A 134 -40.46 18.06 5.88
N LYS A 135 -41.59 17.51 6.31
CA LYS A 135 -42.51 18.22 7.19
C LYS A 135 -41.80 18.65 8.46
N VAL A 136 -40.96 17.77 9.03
CA VAL A 136 -40.25 18.12 10.25
C VAL A 136 -39.24 19.22 9.96
N ARG A 137 -38.56 19.13 8.82
CA ARG A 137 -37.55 20.10 8.44
C ARG A 137 -38.15 21.50 8.30
N ARG A 138 -39.32 21.61 7.63
CA ARG A 138 -39.92 22.93 7.51
C ARG A 138 -40.46 23.41 8.84
N ALA A 139 -40.98 22.52 9.69
CA ALA A 139 -41.46 22.99 10.99
C ALA A 139 -40.30 23.53 11.82
N ALA A 140 -39.17 22.83 11.81
CA ALA A 140 -37.97 23.36 12.43
C ALA A 140 -37.54 24.64 11.75
N ALA A 141 -37.85 24.80 10.46
CA ALA A 141 -37.61 26.06 9.76
C ALA A 141 -38.43 27.20 10.39
N ASP A 142 -39.74 27.00 10.51
CA ASP A 142 -40.59 27.94 11.21
C ASP A 142 -40.00 28.30 12.56
N LEU A 143 -39.56 27.29 13.31
CA LEU A 143 -39.08 27.58 14.66
C LEU A 143 -37.75 28.33 14.63
N VAL A 144 -36.87 28.04 13.68
CA VAL A 144 -35.62 28.80 13.63
C VAL A 144 -35.90 30.26 13.30
N ALA A 145 -36.84 30.53 12.38
CA ALA A 145 -37.18 31.92 12.06
C ALA A 145 -37.78 32.66 13.26
N VAL A 146 -38.73 32.02 13.96
CA VAL A 146 -39.36 32.63 15.14
C VAL A 146 -38.32 32.89 16.23
N LEU A 147 -37.44 31.91 16.50
CA LEU A 147 -36.31 32.13 17.41
C LEU A 147 -35.39 33.23 16.90
N GLY A 148 -35.41 33.46 15.58
CA GLY A 148 -34.59 34.50 14.97
C GLY A 148 -35.10 35.92 15.18
N SER A 149 -36.43 36.10 15.33
CA SER A 149 -36.96 37.45 15.61
C SER A 149 -36.37 38.06 16.87
N ALA A 150 -36.22 37.28 17.94
CA ALA A 150 -35.67 37.77 19.22
C ALA A 150 -34.15 38.05 19.11
N LEU A 160 -31.39 34.07 30.16
CA LEU A 160 -31.14 32.82 29.43
C LEU A 160 -31.92 31.65 30.00
N TRP A 161 -32.67 30.96 29.14
CA TRP A 161 -33.57 29.91 29.60
C TRP A 161 -32.80 28.67 30.05
N ALA A 162 -33.09 28.22 31.28
CA ALA A 162 -32.56 26.97 31.83
C ALA A 162 -31.04 26.88 31.78
N ALA A 163 -30.34 28.02 31.87
CA ALA A 163 -28.90 28.06 31.63
C ALA A 163 -28.14 27.06 32.48
N LYS A 164 -28.58 26.83 33.72
CA LYS A 164 -27.96 25.86 34.62
C LYS A 164 -28.85 24.67 34.89
N ASP A 165 -30.00 24.55 34.19
CA ASP A 165 -30.98 23.54 34.55
C ASP A 165 -31.36 22.53 33.48
N LEU A 166 -31.06 22.78 32.19
CA LEU A 166 -31.75 22.05 31.13
C LEU A 166 -31.55 20.55 31.24
N TYR A 167 -30.37 20.13 31.71
CA TYR A 167 -30.02 18.72 31.84
C TYR A 167 -29.89 18.27 33.29
N GLY A 168 -30.35 19.06 34.24
CA GLY A 168 -30.25 18.68 35.63
C GLY A 168 -29.11 19.41 36.31
N LYS A 169 -27.97 18.73 36.48
CA LYS A 169 -26.85 19.34 37.18
C LYS A 169 -26.28 20.54 36.40
N THR A 170 -26.25 20.46 35.06
CA THR A 170 -25.77 21.56 34.22
C THR A 170 -26.80 21.89 33.14
N GLY A 171 -26.57 23.00 32.45
CA GLY A 171 -27.48 23.44 31.40
C GLY A 171 -26.80 23.76 30.09
N THR A 172 -26.81 25.02 29.68
CA THR A 172 -26.01 25.43 28.54
C THR A 172 -24.66 25.79 29.13
N THR A 173 -23.71 24.85 28.99
CA THR A 173 -22.46 24.94 29.74
C THR A 173 -21.56 26.05 29.20
N SER A 174 -21.49 26.23 27.88
CA SER A 174 -20.77 27.38 27.30
C SER A 174 -21.67 28.17 26.35
N PRO A 175 -22.31 29.24 26.83
CA PRO A 175 -23.29 30.00 26.05
C PRO A 175 -22.70 30.90 24.97
N LEU A 176 -23.59 31.44 24.14
CA LEU A 176 -23.26 32.32 23.02
C LEU A 176 -23.40 33.80 23.40
N ASP A 177 -22.37 34.60 23.11
CA ASP A 177 -22.44 36.05 23.34
C ASP A 177 -23.41 36.69 22.34
N LYS A 178 -23.68 37.99 22.54
CA LYS A 178 -24.62 38.68 21.65
C LYS A 178 -24.18 38.60 20.19
N ASP A 179 -22.93 39.00 19.91
CA ASP A 179 -22.42 38.95 18.54
C ASP A 179 -22.36 37.51 18.03
N ALA A 180 -22.03 36.55 18.89
CA ALA A 180 -21.95 35.16 18.46
C ALA A 180 -23.33 34.59 18.12
N LEU A 181 -24.36 34.97 18.90
CA LEU A 181 -25.70 34.46 18.67
C LEU A 181 -26.32 35.09 17.44
N LYS A 182 -26.21 36.40 17.29
CA LYS A 182 -26.70 37.00 16.06
C LYS A 182 -25.94 36.44 14.87
N ALA A 183 -24.67 36.07 15.05
CA ALA A 183 -23.91 35.47 13.95
C ALA A 183 -24.46 34.10 13.59
N LEU A 184 -24.80 33.30 14.61
CA LEU A 184 -25.46 32.00 14.37
C LEU A 184 -26.77 32.17 13.62
N ILE A 185 -27.65 33.07 14.08
CA ILE A 185 -28.95 33.30 13.44
C ILE A 185 -28.83 33.76 12.00
N ARG A 186 -28.30 34.99 11.83
CA ARG A 186 -28.33 35.66 10.53
C ARG A 186 -27.27 35.09 9.58
N SER A 187 -26.16 34.55 10.10
CA SER A 187 -25.03 34.18 9.25
C SER A 187 -25.09 32.77 8.68
N VAL A 188 -25.51 31.78 9.47
CA VAL A 188 -25.46 30.38 9.05
C VAL A 188 -26.83 29.72 9.03
N LEU A 189 -27.66 29.98 10.03
CA LEU A 189 -28.91 29.25 10.17
C LEU A 189 -29.92 29.73 9.14
N ILE A 190 -30.42 30.96 9.27
CA ILE A 190 -31.52 31.40 8.42
C ILE A 190 -31.18 31.50 6.93
N PRO A 191 -29.94 31.82 6.50
CA PRO A 191 -29.72 31.91 5.03
C PRO A 191 -29.66 30.56 4.32
N CYS A 192 -29.26 29.50 5.00
CA CYS A 192 -29.27 28.18 4.39
C CYS A 192 -30.50 27.40 4.80
N LEU A 193 -31.50 28.10 5.33
CA LEU A 193 -32.62 27.46 5.98
C LEU A 193 -33.53 26.76 4.95
N GLU A 194 -33.88 27.45 3.87
CA GLU A 194 -34.83 26.86 2.92
C GLU A 194 -34.20 25.68 2.18
N GLU A 195 -32.96 25.83 1.72
CA GLU A 195 -32.27 24.72 1.03
C GLU A 195 -32.09 23.54 1.96
N SER A 196 -31.94 23.79 3.27
CA SER A 196 -31.91 22.71 4.25
C SER A 196 -33.28 22.05 4.41
N VAL A 197 -34.37 22.81 4.24
CA VAL A 197 -35.67 22.15 4.29
C VAL A 197 -35.85 21.24 3.09
N LEU A 198 -35.33 21.66 1.93
CA LEU A 198 -35.50 20.83 0.74
C LEU A 198 -34.63 19.57 0.84
N HIS A 199 -33.40 19.73 1.32
CA HIS A 199 -32.41 18.68 1.36
C HIS A 199 -31.97 18.40 2.79
N GLU A 200 -32.25 17.16 3.26
CA GLU A 200 -31.90 16.69 4.60
C GLU A 200 -30.41 16.80 4.90
N ASP A 201 -29.62 17.09 3.88
CA ASP A 201 -28.18 17.10 3.99
C ASP A 201 -27.63 18.50 4.15
N HIS A 202 -28.36 19.51 3.63
CA HIS A 202 -27.82 20.85 3.53
C HIS A 202 -27.57 21.45 4.89
N VAL A 203 -28.12 20.85 5.94
CA VAL A 203 -27.93 21.39 7.28
C VAL A 203 -26.50 21.14 7.73
N VAL A 204 -26.09 19.87 7.79
CA VAL A 204 -24.74 19.55 8.26
C VAL A 204 -23.71 20.25 7.37
N ALA A 205 -23.85 20.12 6.06
CA ALA A 205 -22.97 20.81 5.11
C ALA A 205 -22.89 22.31 5.41
N ALA A 206 -24.06 22.96 5.56
CA ALA A 206 -24.10 24.39 5.87
C ALA A 206 -23.30 24.72 7.13
N LEU A 207 -23.50 23.94 8.19
CA LEU A 207 -22.80 24.21 9.44
C LEU A 207 -21.29 23.96 9.29
N VAL A 208 -20.90 22.93 8.55
CA VAL A 208 -19.47 22.65 8.36
C VAL A 208 -18.82 23.78 7.59
N GLY A 209 -19.36 24.09 6.40
CA GLY A 209 -18.89 25.22 5.63
C GLY A 209 -18.98 26.54 6.37
N ALA A 210 -19.71 26.57 7.49
CA ALA A 210 -19.81 27.73 8.37
C ALA A 210 -18.67 27.79 9.37
N LEU A 211 -18.25 26.66 9.93
CA LEU A 211 -17.18 26.72 10.92
C LEU A 211 -15.79 26.44 10.33
N GLU A 212 -15.71 25.91 9.10
CA GLU A 212 -14.46 25.71 8.39
C GLU A 212 -13.74 27.02 8.06
N SER A 228 -17.28 34.60 9.34
CA SER A 228 -16.91 35.37 10.53
C SER A 228 -15.86 34.66 11.43
N HIS A 229 -15.20 35.43 12.30
CA HIS A 229 -14.40 34.97 13.45
C HIS A 229 -14.92 35.73 14.66
N SER A 230 -14.46 35.38 15.87
CA SER A 230 -14.06 34.04 16.27
C SER A 230 -15.34 33.57 16.91
N ALA A 231 -16.45 34.17 16.48
CA ALA A 231 -17.77 33.71 16.88
C ALA A 231 -17.91 32.23 16.54
N ARG A 232 -17.26 31.80 15.46
CA ARG A 232 -17.12 30.39 15.14
C ARG A 232 -16.76 29.60 16.39
N LEU A 233 -15.77 30.08 17.13
CA LEU A 233 -15.31 29.38 18.31
C LEU A 233 -16.39 29.29 19.39
N SER A 234 -17.18 30.37 19.58
CA SER A 234 -18.22 30.33 20.62
C SER A 234 -19.39 29.43 20.21
N ILE A 235 -19.80 29.50 18.94
CA ILE A 235 -20.75 28.52 18.39
C ILE A 235 -20.23 27.10 18.60
N PHE A 236 -18.97 26.86 18.23
CA PHE A 236 -18.31 25.57 18.36
C PHE A 236 -18.38 25.06 19.79
N LYS A 237 -17.95 25.90 20.74
CA LYS A 237 -18.02 25.49 22.13
C LYS A 237 -19.46 25.18 22.51
N PHE A 238 -20.40 26.02 22.09
CA PHE A 238 -21.82 25.89 22.48
C PHE A 238 -22.41 24.57 22.01
N LEU A 239 -22.39 24.36 20.70
CA LEU A 239 -22.75 23.09 20.11
C LEU A 239 -22.11 21.93 20.86
N CYS A 240 -20.79 21.95 21.02
CA CYS A 240 -20.14 20.80 21.64
C CYS A 240 -20.67 20.58 23.03
N GLY A 241 -20.78 21.64 23.82
CA GLY A 241 -21.30 21.51 25.17
C GLY A 241 -22.63 20.80 25.21
N HIS A 242 -23.54 21.18 24.31
CA HIS A 242 -24.82 20.48 24.29
C HIS A 242 -24.65 19.03 23.86
N VAL A 243 -23.71 18.76 22.96
CA VAL A 243 -23.48 17.39 22.52
C VAL A 243 -22.95 16.54 23.68
N VAL A 244 -21.99 17.06 24.43
CA VAL A 244 -21.52 16.36 25.61
C VAL A 244 -22.67 16.12 26.56
N GLU A 245 -23.50 17.15 26.76
CA GLU A 245 -24.33 17.18 27.95
C GLU A 245 -25.70 16.59 27.74
N THR A 246 -26.25 16.68 26.53
CA THR A 246 -27.60 16.21 26.26
C THR A 246 -27.70 14.72 26.60
N PRO A 247 -28.90 14.22 26.86
CA PRO A 247 -29.04 12.77 27.00
C PRO A 247 -29.48 12.09 25.71
N LEU A 248 -29.78 12.91 24.71
CA LEU A 248 -30.35 12.42 23.45
C LEU A 248 -29.22 11.96 22.55
N LEU A 249 -28.91 10.66 22.60
CA LEU A 249 -27.90 10.11 21.71
C LEU A 249 -28.16 10.52 20.26
N ALA A 250 -29.44 10.55 19.85
CA ALA A 250 -29.77 10.93 18.48
C ALA A 250 -29.28 12.34 18.17
N VAL A 251 -29.44 13.27 19.10
CA VAL A 251 -28.97 14.63 18.85
C VAL A 251 -27.44 14.68 18.86
N LYS A 252 -26.80 13.94 19.79
CA LYS A 252 -25.33 13.82 19.82
C LYS A 252 -24.81 13.46 18.44
N LEU A 253 -25.32 12.34 17.89
CA LEU A 253 -24.96 11.90 16.55
C LEU A 253 -25.26 12.99 15.51
N ARG A 254 -26.54 13.37 15.37
CA ARG A 254 -26.94 14.32 14.32
C ARG A 254 -26.07 15.58 14.33
N LEU A 255 -25.71 16.05 15.50
CA LEU A 255 -24.85 17.21 15.63
C LEU A 255 -23.39 16.87 15.32
N LEU A 256 -22.98 15.63 15.66
CA LEU A 256 -21.60 15.20 15.46
C LEU A 256 -21.32 14.94 13.99
N ARG A 257 -22.34 14.52 13.24
CA ARG A 257 -22.21 14.44 11.79
C ARG A 257 -21.57 15.70 11.26
N SER A 258 -21.77 16.84 11.94
CA SER A 258 -21.11 18.09 11.57
C SER A 258 -19.88 18.39 12.42
N LEU A 259 -20.03 18.42 13.75
CA LEU A 259 -18.92 18.83 14.59
C LEU A 259 -17.67 17.98 14.33
N ASN A 260 -17.85 16.68 14.09
CA ASN A 260 -16.73 15.80 13.87
C ASN A 260 -15.97 16.15 12.60
N GLN A 261 -16.57 16.89 11.65
CA GLN A 261 -15.87 17.20 10.42
C GLN A 261 -14.96 18.39 10.56
N ILE A 262 -14.53 18.74 11.78
CA ILE A 262 -13.74 19.95 12.03
C ILE A 262 -12.67 19.65 13.07
N ARG A 263 -11.39 19.62 12.65
CA ARG A 263 -10.32 19.27 13.59
C ARG A 263 -10.11 20.40 14.59
N ARG A 264 -9.98 21.64 14.12
CA ARG A 264 -9.81 22.78 15.01
C ARG A 264 -10.05 24.07 14.23
N ILE A 265 -10.39 25.13 14.98
CA ILE A 265 -10.45 26.50 14.44
C ILE A 265 -9.99 27.47 15.52
N SER A 266 -8.95 28.25 15.22
CA SER A 266 -8.37 29.24 16.11
C SER A 266 -8.00 28.62 17.47
N GLY A 267 -7.08 27.65 17.40
CA GLY A 267 -6.29 27.13 18.51
C GLY A 267 -6.94 26.09 19.42
N THR A 268 -8.16 25.66 19.13
CA THR A 268 -8.90 24.74 19.99
C THR A 268 -9.34 23.51 19.23
N THR A 269 -8.90 22.33 19.72
CA THR A 269 -9.25 21.05 19.13
C THR A 269 -10.63 20.64 19.59
N ARG A 270 -11.42 20.11 18.65
CA ARG A 270 -12.73 19.58 18.96
C ARG A 270 -12.61 18.50 20.02
N THR A 271 -11.48 17.77 19.98
CA THR A 271 -11.18 16.73 20.96
C THR A 271 -11.11 17.32 22.35
N ASP A 272 -10.51 18.50 22.45
CA ASP A 272 -10.39 19.05 23.76
C ASP A 272 -11.75 19.38 24.31
N LEU A 273 -12.74 19.56 23.42
CA LEU A 273 -14.11 19.91 23.78
C LEU A 273 -15.00 18.69 23.98
N LEU A 274 -14.70 17.57 23.32
CA LEU A 274 -15.60 16.42 23.29
C LEU A 274 -15.04 15.23 24.05
N LEU A 275 -13.85 15.36 24.62
CA LEU A 275 -13.26 14.22 25.31
C LEU A 275 -14.16 13.65 26.41
N PRO A 276 -14.87 14.45 27.23
CA PRO A 276 -15.66 13.82 28.31
C PRO A 276 -16.79 13.00 27.77
N LEU A 277 -17.27 13.30 26.55
CA LEU A 277 -18.20 12.40 25.87
C LEU A 277 -17.62 11.01 25.71
N LEU A 278 -16.43 10.93 25.12
CA LEU A 278 -15.76 9.63 24.96
C LEU A 278 -15.62 8.93 26.30
N ARG A 279 -15.27 9.69 27.32
CA ARG A 279 -15.04 9.08 28.62
C ARG A 279 -16.33 8.49 29.17
N TRP A 280 -17.41 9.29 29.12
CA TRP A 280 -18.73 8.84 29.59
C TRP A 280 -19.17 7.59 28.87
N TRP A 281 -19.14 7.64 27.52
CA TRP A 281 -19.63 6.55 26.68
C TRP A 281 -18.84 5.27 26.89
N ALA A 282 -17.52 5.40 27.08
CA ALA A 282 -16.73 4.21 27.36
C ALA A 282 -17.13 3.61 28.70
N GLY A 283 -17.62 4.47 29.61
CA GLY A 283 -18.00 4.06 30.95
C GLY A 283 -19.15 3.08 30.99
N LEU A 284 -19.91 2.97 29.92
CA LEU A 284 -21.15 2.20 29.94
C LEU A 284 -20.95 0.72 29.73
N SER A 285 -21.79 -0.06 30.38
CA SER A 285 -21.85 -1.50 30.18
C SER A 285 -22.38 -1.78 28.77
N ALA A 286 -22.26 -3.03 28.33
CA ALA A 286 -22.98 -3.41 27.12
C ALA A 286 -24.50 -3.23 27.31
N ASN A 287 -25.03 -3.64 28.48
CA ASN A 287 -26.44 -3.38 28.78
C ASN A 287 -26.80 -1.94 28.52
N GLU A 288 -26.15 -1.02 29.24
CA GLU A 288 -26.55 0.37 29.19
C GLU A 288 -26.48 0.93 27.78
N ALA A 289 -25.43 0.60 27.03
CA ALA A 289 -25.34 1.17 25.69
C ALA A 289 -26.44 0.63 24.78
N ALA A 290 -26.66 -0.70 24.79
CA ALA A 290 -27.72 -1.28 23.98
C ALA A 290 -29.09 -0.73 24.35
N GLU A 291 -29.27 -0.46 25.64
CA GLU A 291 -30.55 -0.01 26.16
C GLU A 291 -30.80 1.45 25.78
N LEU A 292 -29.88 2.34 26.14
CA LEU A 292 -29.96 3.75 25.76
C LEU A 292 -30.10 3.89 24.25
N ALA A 293 -29.35 3.08 23.51
CA ALA A 293 -29.44 3.12 22.07
C ALA A 293 -30.82 2.68 21.60
N ALA A 294 -31.34 1.58 22.17
CA ALA A 294 -32.68 1.14 21.81
C ALA A 294 -33.69 2.24 22.06
N GLN A 295 -33.60 2.85 23.24
CA GLN A 295 -34.57 3.85 23.66
C GLN A 295 -34.75 4.93 22.63
N GLU A 296 -33.70 5.30 21.93
CA GLU A 296 -33.88 6.31 20.91
C GLU A 296 -33.89 5.71 19.52
N SER A 297 -33.77 4.38 19.43
CA SER A 297 -33.70 3.68 18.15
C SER A 297 -32.55 4.21 17.28
N VAL A 298 -31.36 4.23 17.87
CA VAL A 298 -30.11 4.46 17.18
C VAL A 298 -29.23 3.28 17.54
N ASP A 299 -28.17 3.06 16.73
CA ASP A 299 -27.32 1.86 16.84
C ASP A 299 -26.05 2.08 17.63
N VAL A 300 -25.80 1.18 18.59
CA VAL A 300 -24.56 1.24 19.36
C VAL A 300 -23.35 1.43 18.47
N PRO A 301 -23.15 0.65 17.40
CA PRO A 301 -21.96 0.89 16.55
C PRO A 301 -21.86 2.30 15.96
N ALA A 302 -22.92 2.84 15.37
CA ALA A 302 -22.82 4.19 14.82
C ALA A 302 -22.33 5.17 15.88
N ILE A 303 -22.80 5.01 17.11
CA ILE A 303 -22.33 5.84 18.21
C ILE A 303 -20.86 5.59 18.47
N ASP A 304 -20.46 4.32 18.63
CA ASP A 304 -19.05 3.92 18.81
C ASP A 304 -18.16 4.68 17.85
N ASP A 305 -18.52 4.61 16.57
CA ASP A 305 -17.81 5.37 15.54
C ASP A 305 -17.74 6.85 15.86
N ALA A 306 -18.90 7.49 16.03
CA ALA A 306 -18.90 8.95 16.17
C ALA A 306 -18.16 9.41 17.42
N VAL A 307 -18.36 8.72 18.54
CA VAL A 307 -17.67 9.00 19.79
C VAL A 307 -16.16 8.89 19.61
N VAL A 308 -15.70 7.87 18.89
CA VAL A 308 -14.27 7.68 18.80
C VAL A 308 -13.62 8.74 17.90
N ASP A 309 -14.29 9.10 16.79
CA ASP A 309 -13.75 10.12 15.89
C ASP A 309 -13.64 11.48 16.56
N VAL A 310 -14.09 11.57 17.80
CA VAL A 310 -13.94 12.81 18.56
C VAL A 310 -12.48 13.19 18.65
N VAL A 311 -11.60 12.20 18.83
CA VAL A 311 -10.18 12.45 19.04
C VAL A 311 -9.51 12.73 17.68
N VAL A 312 -8.81 13.86 17.59
CA VAL A 312 -8.09 14.22 16.37
C VAL A 312 -6.73 13.54 16.44
N PRO A 313 -5.98 13.39 15.31
CA PRO A 313 -4.71 12.65 15.36
C PRO A 313 -3.72 13.14 16.42
N ASN A 314 -3.24 14.37 16.33
CA ASN A 314 -2.12 14.75 17.20
C ASN A 314 -2.59 15.34 18.52
N HIS A 315 -3.43 14.60 19.23
CA HIS A 315 -3.94 15.02 20.54
C HIS A 315 -3.38 14.10 21.60
N ALA A 316 -2.36 14.58 22.34
CA ALA A 316 -1.72 13.78 23.38
C ALA A 316 -2.74 13.26 24.37
N ALA A 317 -3.58 14.17 24.91
CA ALA A 317 -4.50 13.79 25.97
C ALA A 317 -5.62 12.88 25.45
N GLY A 318 -6.05 13.09 24.20
CA GLY A 318 -7.06 12.21 23.62
C GLY A 318 -6.57 10.80 23.32
N LEU A 319 -5.45 10.69 22.60
CA LEU A 319 -4.86 9.37 22.37
C LEU A 319 -4.52 8.68 23.69
N GLU A 320 -3.94 9.45 24.62
CA GLU A 320 -3.67 8.91 25.94
C GLU A 320 -4.94 8.35 26.56
N ALA A 321 -6.06 9.07 26.36
CA ALA A 321 -7.36 8.61 26.86
C ALA A 321 -7.75 7.28 26.21
N PHE A 322 -7.62 7.18 24.88
CA PHE A 322 -7.83 5.90 24.18
C PHE A 322 -7.09 4.77 24.87
N PHE A 323 -5.79 4.96 25.11
CA PHE A 323 -4.99 3.86 25.68
C PHE A 323 -5.45 3.53 27.09
N GLN A 324 -5.80 4.55 27.87
CA GLN A 324 -6.31 4.26 29.19
C GLN A 324 -7.61 3.45 29.11
N LEU A 325 -8.50 3.86 28.21
CA LEU A 325 -9.80 3.22 28.10
C LEU A 325 -9.64 1.76 27.71
N VAL A 326 -8.75 1.50 26.75
CA VAL A 326 -8.63 0.11 26.31
C VAL A 326 -7.97 -0.73 27.40
N LYS A 327 -7.12 -0.12 28.24
CA LYS A 327 -6.57 -0.87 29.37
C LYS A 327 -7.64 -1.25 30.38
N GLU A 328 -8.67 -0.40 30.53
CA GLU A 328 -9.82 -0.71 31.39
C GLU A 328 -10.79 -1.60 30.62
N ALA A 329 -11.73 -2.20 31.35
CA ALA A 329 -12.78 -3.03 30.74
C ALA A 329 -13.72 -2.17 29.92
N ILE A 330 -14.02 -2.58 28.68
CA ILE A 330 -14.93 -1.83 27.83
C ILE A 330 -15.69 -2.81 26.93
N ARG A 331 -16.75 -2.31 26.30
CA ARG A 331 -17.50 -3.07 25.31
C ARG A 331 -16.59 -3.37 24.12
N PRO A 332 -16.64 -4.58 23.58
CA PRO A 332 -15.82 -4.90 22.40
C PRO A 332 -16.03 -3.96 21.23
N GLY A 333 -17.27 -3.64 20.87
CA GLY A 333 -17.49 -2.73 19.74
C GLY A 333 -16.70 -1.45 19.86
N LEU A 334 -16.71 -0.87 21.07
CA LEU A 334 -15.90 0.33 21.30
C LEU A 334 -14.43 0.03 21.16
N LEU A 335 -13.97 -1.14 21.63
CA LEU A 335 -12.56 -1.51 21.50
C LEU A 335 -12.14 -1.53 20.03
N GLN A 336 -12.81 -2.34 19.23
CA GLN A 336 -12.61 -2.36 17.79
C GLN A 336 -12.56 -0.95 17.23
N ALA A 337 -13.53 -0.12 17.63
CA ALA A 337 -13.61 1.24 17.08
C ALA A 337 -12.42 2.11 17.52
N ILE A 338 -11.98 1.97 18.77
CA ILE A 338 -10.86 2.79 19.27
C ILE A 338 -9.59 2.45 18.52
N PHE A 339 -9.27 1.16 18.47
CA PHE A 339 -8.08 0.76 17.73
C PHE A 339 -8.21 1.14 16.26
N ALA A 340 -9.34 0.80 15.65
CA ALA A 340 -9.57 1.17 14.26
C ALA A 340 -9.26 2.64 14.04
N ARG A 341 -9.62 3.46 15.03
CA ARG A 341 -9.35 4.88 14.91
C ARG A 341 -7.86 5.17 15.01
N ILE A 342 -7.16 4.53 15.95
CA ILE A 342 -5.73 4.80 16.08
C ILE A 342 -5.04 4.50 14.77
N ALA A 343 -5.34 3.34 14.19
CA ALA A 343 -4.96 3.00 12.83
C ALA A 343 -5.22 4.14 11.84
N LYS A 344 -6.48 4.57 11.67
CA LYS A 344 -6.76 5.65 10.71
C LYS A 344 -5.94 6.91 11.03
N MET A 345 -5.83 7.23 12.32
CA MET A 345 -5.08 8.40 12.74
C MET A 345 -3.58 8.28 12.43
N TRP A 346 -3.05 7.05 12.22
CA TRP A 346 -1.59 6.84 12.14
C TRP A 346 -0.90 7.68 11.08
N PRO A 347 -1.28 7.63 9.80
CA PRO A 347 -0.52 8.38 8.80
C PRO A 347 -0.33 9.85 9.15
N SER A 348 -1.26 10.46 9.87
CA SER A 348 -1.14 11.85 10.28
C SER A 348 -0.46 12.00 11.65
N MET A 349 -0.18 10.88 12.33
CA MET A 349 0.58 10.97 13.57
C MET A 349 1.90 11.63 13.22
N LYS A 350 2.36 12.53 14.07
CA LYS A 350 3.58 13.25 13.73
C LYS A 350 4.75 12.27 13.74
N SER A 351 5.88 12.70 13.17
CA SER A 351 7.01 11.81 12.92
C SER A 351 7.38 11.02 14.18
N ASP A 352 7.63 11.70 15.30
CA ASP A 352 8.01 11.11 16.57
C ASP A 352 6.85 10.44 17.31
N THR A 353 5.62 10.93 17.11
CA THR A 353 4.47 10.37 17.84
C THR A 353 4.11 8.99 17.32
N LYS A 354 4.42 8.71 16.04
CA LYS A 354 4.34 7.34 15.52
C LYS A 354 5.19 6.42 16.37
N TYR A 355 6.45 6.80 16.58
CA TYR A 355 7.34 6.01 17.41
C TYR A 355 6.76 5.81 18.81
N SER A 356 6.39 6.90 19.48
CA SER A 356 5.97 6.77 20.87
C SER A 356 4.74 5.88 21.02
N THR A 357 3.76 6.05 20.13
CA THR A 357 2.56 5.24 20.23
C THR A 357 2.82 3.80 19.84
N ALA A 358 3.75 3.54 18.90
CA ALA A 358 4.10 2.15 18.57
C ALA A 358 4.80 1.48 19.73
N LYS A 359 5.70 2.21 20.38
CA LYS A 359 6.25 1.75 21.65
C LYS A 359 5.12 1.39 22.61
N THR A 360 4.06 2.24 22.68
CA THR A 360 2.96 1.99 23.61
C THR A 360 2.20 0.71 23.25
N LEU A 361 1.82 0.59 21.97
CA LEU A 361 1.15 -0.60 21.48
C LEU A 361 1.92 -1.86 21.83
N PHE A 362 3.23 -1.83 21.53
CA PHE A 362 4.13 -2.91 21.87
C PHE A 362 4.07 -3.18 23.37
N GLU A 363 4.14 -2.11 24.16
CA GLU A 363 4.08 -2.22 25.61
C GLU A 363 2.86 -3.02 26.03
N LEU A 364 1.73 -2.78 25.36
CA LEU A 364 0.50 -3.52 25.63
C LEU A 364 0.64 -5.00 25.31
N THR A 365 1.17 -5.31 24.13
CA THR A 365 1.32 -6.71 23.73
C THR A 365 2.17 -7.51 24.72
N GLN A 366 3.15 -6.89 25.38
CA GLN A 366 3.99 -7.59 26.34
C GLN A 366 3.43 -7.55 27.76
N ASP A 367 2.29 -6.90 28.00
CA ASP A 367 1.79 -6.76 29.36
C ASP A 367 1.46 -8.13 29.92
N PRO A 368 2.05 -8.54 31.05
CA PRO A 368 1.75 -9.87 31.57
C PRO A 368 0.31 -10.04 32.06
N LYS A 369 -0.30 -9.03 32.71
CA LYS A 369 -1.65 -9.23 33.21
C LYS A 369 -2.63 -9.47 32.07
N LEU A 370 -2.58 -8.62 31.03
CA LEU A 370 -3.40 -8.82 29.84
C LEU A 370 -3.10 -10.14 29.15
N ASN A 371 -1.83 -10.54 29.14
CA ASN A 371 -1.44 -11.82 28.53
C ASN A 371 -2.10 -12.99 29.24
N ALA A 372 -2.15 -12.93 30.58
CA ALA A 372 -2.89 -13.95 31.32
C ALA A 372 -4.35 -13.94 30.92
N GLU A 373 -4.95 -12.75 30.84
CA GLU A 373 -6.34 -12.63 30.39
C GLU A 373 -6.55 -13.14 28.98
N GLN A 374 -5.46 -13.29 28.20
CA GLN A 374 -5.53 -13.42 26.74
C GLN A 374 -6.54 -12.45 26.14
N SER A 375 -6.33 -11.19 26.47
CA SER A 375 -7.24 -10.12 26.06
C SER A 375 -7.30 -9.96 24.54
N ASP A 376 -8.43 -9.45 24.06
CA ASP A 376 -8.54 -9.04 22.67
C ASP A 376 -7.82 -7.73 22.41
N VAL A 377 -7.36 -7.07 23.47
CA VAL A 377 -6.55 -5.89 23.30
C VAL A 377 -5.25 -6.23 22.58
N ILE A 378 -4.59 -7.31 23.03
CA ILE A 378 -3.34 -7.75 22.41
C ILE A 378 -3.54 -7.93 20.92
N THR A 379 -4.52 -8.74 20.54
CA THR A 379 -4.75 -9.00 19.14
C THR A 379 -5.04 -7.71 18.36
N GLU A 380 -5.87 -6.80 18.89
CA GLU A 380 -6.14 -5.56 18.16
C GLU A 380 -4.88 -4.70 18.02
N ALA A 381 -4.00 -4.71 19.04
CA ALA A 381 -2.75 -3.98 18.96
C ALA A 381 -1.85 -4.53 17.87
N VAL A 382 -1.65 -5.86 17.84
CA VAL A 382 -0.82 -6.42 16.77
C VAL A 382 -1.43 -6.10 15.41
N GLU A 383 -2.77 -6.03 15.33
CA GLU A 383 -3.41 -5.62 14.08
C GLU A 383 -3.02 -4.20 13.68
N VAL A 384 -2.92 -3.29 14.65
CA VAL A 384 -2.39 -1.97 14.36
C VAL A 384 -0.96 -2.04 13.84
N LEU A 385 -0.07 -2.73 14.59
CA LEU A 385 1.35 -2.79 14.23
C LEU A 385 1.60 -3.47 12.89
N ARG A 386 0.68 -4.34 12.45
CA ARG A 386 0.72 -4.91 11.12
C ARG A 386 0.27 -3.87 10.09
N LYS A 387 -0.95 -3.33 10.26
CA LYS A 387 -1.57 -2.46 9.26
C LYS A 387 -0.76 -1.19 8.96
N VAL A 388 0.10 -0.77 9.85
CA VAL A 388 0.74 0.53 9.75
C VAL A 388 2.11 0.44 9.06
N ASP A 389 2.49 1.52 8.37
CA ASP A 389 3.85 1.66 7.83
C ASP A 389 4.78 2.13 8.95
N LEU A 390 5.76 1.29 9.30
CA LEU A 390 6.70 1.53 10.37
C LEU A 390 7.90 2.36 9.88
N THR A 391 8.65 2.93 10.82
CA THR A 391 9.88 3.65 10.46
C THR A 391 11.08 2.85 10.99
N THR A 392 12.26 3.12 10.41
CA THR A 392 13.47 2.45 10.87
C THR A 392 13.60 2.56 12.39
N ASP A 393 13.31 3.73 12.98
CA ASP A 393 13.44 3.89 14.43
C ASP A 393 12.52 2.93 15.19
N ILE A 394 11.29 2.78 14.74
CA ILE A 394 10.37 1.88 15.41
C ILE A 394 10.93 0.46 15.36
N LEU A 395 11.40 0.03 14.18
CA LEU A 395 11.94 -1.32 14.01
C LEU A 395 13.12 -1.56 14.92
N HIS A 396 14.06 -0.61 14.95
CA HIS A 396 15.18 -0.73 15.87
C HIS A 396 14.69 -0.87 17.31
N TYR A 397 13.63 -0.13 17.67
CA TYR A 397 13.01 -0.35 18.98
C TYR A 397 12.64 -1.82 19.14
N PHE A 398 12.02 -2.40 18.11
CA PHE A 398 11.59 -3.79 18.21
C PHE A 398 12.75 -4.74 18.38
N ILE A 399 13.84 -4.49 17.64
CA ILE A 399 14.99 -5.38 17.64
C ILE A 399 15.70 -5.30 18.99
N ASP A 400 16.06 -4.09 19.42
CA ASP A 400 16.73 -3.88 20.68
C ASP A 400 15.89 -4.29 21.89
N SER A 401 14.61 -4.58 21.70
CA SER A 401 13.71 -5.16 22.73
C SER A 401 14.23 -6.45 23.36
N SER B 16 49.64 0.17 -42.40
CA SER B 16 50.27 0.16 -43.73
C SER B 16 49.25 -0.19 -44.85
N LEU B 17 48.63 -1.39 -44.84
CA LEU B 17 48.46 -2.24 -43.65
C LEU B 17 49.03 -3.64 -43.85
N ASP B 18 49.72 -3.82 -44.98
CA ASP B 18 50.30 -5.11 -45.32
C ASP B 18 51.50 -5.47 -44.44
N SER B 19 52.25 -4.49 -43.92
CA SER B 19 53.33 -4.81 -42.99
C SER B 19 52.78 -5.60 -41.78
N THR B 20 51.70 -5.09 -41.18
CA THR B 20 51.05 -5.82 -40.09
C THR B 20 50.47 -7.16 -40.57
N PHE B 21 49.90 -7.17 -41.78
CA PHE B 21 49.36 -8.40 -42.32
C PHE B 21 50.41 -9.50 -42.39
N GLU B 22 51.66 -9.14 -42.75
CA GLU B 22 52.78 -10.08 -42.79
C GLU B 22 53.27 -10.46 -41.38
N ARG B 23 53.26 -9.51 -40.43
CA ARG B 23 53.52 -9.86 -39.03
C ARG B 23 52.60 -11.00 -38.61
N LEU B 24 51.32 -10.91 -38.99
CA LEU B 24 50.34 -11.95 -38.70
C LEU B 24 50.54 -13.18 -39.56
N SER B 25 51.12 -13.00 -40.76
CA SER B 25 51.44 -14.15 -41.61
C SER B 25 52.23 -15.21 -40.83
N LYS B 26 53.32 -14.79 -40.17
CA LYS B 26 54.17 -15.69 -39.39
C LYS B 26 53.56 -15.92 -38.00
N LEU B 27 52.43 -16.61 -37.98
CA LEU B 27 51.68 -16.78 -36.75
C LEU B 27 51.24 -18.23 -36.59
N GLN B 28 51.20 -18.67 -35.35
CA GLN B 28 51.13 -20.08 -35.08
C GLN B 28 49.67 -20.51 -34.95
N PRO B 29 49.16 -21.42 -35.81
CA PRO B 29 47.78 -21.88 -35.64
C PRO B 29 47.60 -22.55 -34.29
N THR B 30 46.34 -22.60 -33.85
CA THR B 30 46.04 -23.07 -32.51
C THR B 30 44.64 -23.68 -32.46
N ALA B 31 44.37 -24.39 -31.35
CA ALA B 31 43.08 -25.02 -31.10
C ALA B 31 42.31 -24.41 -29.93
N THR B 32 42.99 -23.78 -28.98
CA THR B 32 42.28 -23.10 -27.89
C THR B 32 41.37 -22.03 -28.46
N SER B 33 40.11 -22.06 -28.03
CA SER B 33 39.14 -21.15 -28.57
C SER B 33 39.44 -19.71 -28.14
N CYS B 34 38.83 -18.77 -28.87
CA CYS B 34 38.96 -17.37 -28.48
C CYS B 34 38.11 -17.06 -27.26
N LEU B 35 37.07 -17.84 -27.02
CA LEU B 35 36.23 -17.67 -25.85
C LEU B 35 36.89 -18.36 -24.66
N ALA B 36 38.20 -18.52 -24.71
CA ALA B 36 38.91 -19.24 -23.66
C ALA B 36 40.05 -18.39 -23.10
N LYS B 37 40.54 -18.83 -21.95
CA LYS B 37 41.44 -18.02 -21.17
C LYS B 37 42.79 -17.87 -21.87
N ASP B 38 43.35 -18.98 -22.35
CA ASP B 38 44.75 -18.95 -22.79
C ASP B 38 44.92 -18.01 -23.98
N SER B 39 43.94 -17.98 -24.89
CA SER B 39 44.05 -17.24 -26.14
C SER B 39 43.71 -15.75 -26.02
N GLU B 40 43.73 -15.18 -24.81
CA GLU B 40 43.31 -13.79 -24.68
C GLU B 40 44.28 -12.87 -25.38
N SER B 41 45.58 -13.00 -25.07
CA SER B 41 46.58 -12.15 -25.69
C SER B 41 46.56 -12.28 -27.21
N LEU B 42 46.28 -13.48 -27.74
CA LEU B 42 46.20 -13.61 -29.19
C LEU B 42 45.04 -12.79 -29.75
N PHE B 43 43.85 -12.92 -29.14
CA PHE B 43 42.63 -12.37 -29.75
C PHE B 43 42.76 -10.87 -29.99
N ASN B 44 43.01 -10.10 -28.91
CA ASN B 44 43.17 -8.65 -29.07
C ASN B 44 44.06 -8.31 -30.25
N ASP B 45 45.22 -8.99 -30.38
CA ASP B 45 46.12 -8.67 -31.47
C ASP B 45 45.38 -8.79 -32.80
N LEU B 46 44.87 -9.99 -33.09
CA LEU B 46 44.06 -10.21 -34.30
C LEU B 46 42.93 -9.20 -34.39
N CYS B 47 42.25 -8.95 -33.27
CA CYS B 47 41.04 -8.14 -33.33
C CYS B 47 41.39 -6.72 -33.70
N SER B 48 42.52 -6.22 -33.19
CA SER B 48 42.94 -4.89 -33.59
C SER B 48 43.04 -4.82 -35.11
N VAL B 49 43.71 -5.81 -35.69
CA VAL B 49 43.88 -5.80 -37.14
C VAL B 49 42.53 -5.86 -37.82
N PHE B 50 41.63 -6.70 -37.30
CA PHE B 50 40.34 -6.87 -37.96
C PHE B 50 39.59 -5.55 -38.03
N LEU B 51 39.71 -4.72 -36.97
CA LEU B 51 38.98 -3.45 -36.91
C LEU B 51 39.43 -2.51 -38.01
N SER B 52 40.66 -2.65 -38.47
CA SER B 52 41.10 -1.89 -39.63
C SER B 52 40.87 -2.63 -40.93
N ALA B 53 40.92 -3.96 -40.89
CA ALA B 53 40.80 -4.73 -42.12
C ALA B 53 39.35 -4.83 -42.58
N ALA B 54 38.41 -4.63 -41.67
CA ALA B 54 37.01 -4.87 -41.99
C ALA B 54 36.41 -3.77 -42.84
N VAL B 55 37.09 -2.63 -43.01
CA VAL B 55 36.54 -1.57 -43.85
C VAL B 55 36.69 -1.85 -45.34
N SER B 56 37.55 -2.79 -45.75
CA SER B 56 37.71 -3.16 -47.15
C SER B 56 37.40 -4.63 -47.36
N GLU B 57 36.54 -4.93 -48.34
CA GLU B 57 36.28 -6.35 -48.59
C GLU B 57 37.56 -7.03 -49.00
N SER B 58 38.46 -6.25 -49.62
CA SER B 58 39.80 -6.73 -49.98
C SER B 58 40.62 -7.10 -48.73
N ASP B 59 40.83 -6.14 -47.82
CA ASP B 59 41.54 -6.44 -46.58
C ASP B 59 40.77 -7.41 -45.71
N LEU B 60 39.43 -7.34 -45.74
CA LEU B 60 38.65 -8.28 -44.97
C LEU B 60 39.02 -9.71 -45.38
N GLU B 61 39.15 -9.95 -46.68
CA GLU B 61 39.55 -11.28 -47.10
C GLU B 61 41.00 -11.55 -46.74
N ARG B 62 41.88 -10.53 -46.90
CA ARG B 62 43.28 -10.69 -46.49
C ARG B 62 43.33 -11.27 -45.07
N PHE B 63 42.62 -10.63 -44.15
CA PHE B 63 42.59 -11.04 -42.75
C PHE B 63 42.01 -12.42 -42.58
N ASP B 64 40.76 -12.60 -43.02
CA ASP B 64 40.09 -13.89 -42.96
C ASP B 64 41.04 -15.01 -43.39
N ALA B 65 41.93 -14.71 -44.32
CA ALA B 65 42.75 -15.75 -44.91
C ALA B 65 44.04 -16.07 -44.15
N THR B 66 44.59 -15.16 -43.34
CA THR B 66 45.88 -15.45 -42.70
C THR B 66 45.78 -16.72 -41.87
N PRO B 67 46.84 -17.53 -41.83
CA PRO B 67 46.71 -18.95 -41.41
C PRO B 67 46.38 -19.15 -39.95
N VAL B 68 46.57 -18.14 -39.11
CA VAL B 68 46.29 -18.35 -37.70
C VAL B 68 44.79 -18.48 -37.48
N LEU B 69 43.99 -17.76 -38.27
CA LEU B 69 42.53 -17.91 -38.18
C LEU B 69 42.10 -19.31 -38.58
N SER B 70 42.71 -19.85 -39.62
CA SER B 70 42.49 -21.23 -39.96
C SER B 70 41.04 -21.46 -40.43
N ARG B 71 40.63 -20.68 -41.44
CA ARG B 71 39.34 -20.94 -42.11
C ARG B 71 39.16 -22.39 -42.50
N PRO B 72 40.14 -23.12 -43.03
CA PRO B 72 39.86 -24.51 -43.40
C PRO B 72 39.83 -25.44 -42.20
N LYS B 73 40.19 -24.94 -41.04
CA LYS B 73 40.15 -25.73 -39.83
C LYS B 73 38.82 -25.63 -39.05
N ALA B 74 38.06 -24.54 -39.20
CA ALA B 74 36.69 -24.59 -38.70
C ALA B 74 35.90 -25.48 -39.64
N PRO B 75 35.16 -26.45 -39.14
CA PRO B 75 34.67 -26.87 -37.84
C PRO B 75 35.49 -27.85 -37.05
N SER B 76 36.59 -28.31 -37.63
CA SER B 76 37.48 -29.18 -36.87
C SER B 76 38.05 -28.46 -35.65
N ASN B 77 38.32 -27.16 -35.77
CA ASN B 77 39.27 -26.51 -34.87
C ASN B 77 38.62 -25.82 -33.68
N SER B 78 37.48 -25.16 -33.87
CA SER B 78 36.77 -24.35 -32.89
C SER B 78 37.42 -22.99 -32.75
N PHE B 79 38.51 -22.71 -33.47
CA PHE B 79 39.11 -21.39 -33.33
C PHE B 79 38.43 -20.38 -34.22
N TYR B 80 38.36 -20.70 -35.52
CA TYR B 80 37.89 -19.74 -36.52
C TYR B 80 36.54 -19.15 -36.14
N LEU B 81 35.53 -20.00 -35.92
CA LEU B 81 34.21 -19.43 -35.59
C LEU B 81 34.26 -18.70 -34.26
N SER B 82 35.00 -19.24 -33.28
CA SER B 82 35.01 -18.64 -31.95
C SER B 82 35.50 -17.21 -32.01
N PHE B 83 36.49 -16.94 -32.87
CA PHE B 83 37.00 -15.59 -33.01
C PHE B 83 35.88 -14.61 -33.36
N TYR B 84 35.06 -14.97 -34.35
CA TYR B 84 34.03 -14.05 -34.85
C TYR B 84 32.81 -13.98 -33.93
N LEU B 85 32.36 -15.13 -33.40
CA LEU B 85 31.40 -15.13 -32.31
C LEU B 85 31.79 -13.99 -31.38
N ARG B 86 33.01 -14.07 -30.83
CA ARG B 86 33.46 -13.02 -29.93
C ARG B 86 33.53 -11.64 -30.60
N VAL B 87 33.69 -11.54 -31.92
CA VAL B 87 33.84 -10.18 -32.44
C VAL B 87 32.49 -9.46 -32.50
N TRP B 88 31.44 -10.12 -33.02
CA TRP B 88 30.10 -9.64 -32.66
C TRP B 88 29.92 -9.96 -31.18
N CYS B 89 28.91 -9.41 -30.53
CA CYS B 89 28.83 -9.49 -29.05
C CYS B 89 30.06 -8.83 -28.36
N GLY B 90 30.67 -7.81 -28.95
CA GLY B 90 31.83 -7.19 -28.36
C GLY B 90 31.86 -5.69 -28.55
N PRO B 91 32.53 -4.98 -27.66
CA PRO B 91 32.46 -3.50 -27.71
C PRO B 91 33.11 -2.89 -28.93
N TYR B 92 32.65 -3.32 -30.11
CA TYR B 92 33.26 -2.96 -31.37
C TYR B 92 32.19 -2.39 -32.29
N PRO B 93 32.57 -1.48 -33.19
CA PRO B 93 31.56 -0.73 -33.96
C PRO B 93 30.72 -1.64 -34.82
N THR B 94 29.65 -1.06 -35.35
CA THR B 94 28.64 -1.89 -35.96
C THR B 94 29.19 -2.62 -37.18
N LEU B 95 29.93 -1.92 -38.06
CA LEU B 95 30.36 -2.56 -39.30
C LEU B 95 31.23 -3.79 -39.05
N ALA B 96 31.90 -3.87 -37.89
CA ALA B 96 32.72 -5.03 -37.56
C ALA B 96 31.87 -6.19 -37.03
N LYS B 97 30.85 -5.89 -36.22
CA LYS B 97 29.93 -6.95 -35.81
C LYS B 97 29.22 -7.53 -37.03
N VAL B 98 28.81 -6.67 -37.96
CA VAL B 98 28.22 -7.16 -39.20
C VAL B 98 29.22 -7.98 -39.98
N ALA B 99 30.41 -7.42 -40.22
CA ALA B 99 31.44 -8.12 -40.97
C ALA B 99 31.66 -9.51 -40.39
N ALA B 100 31.80 -9.60 -39.07
CA ALA B 100 32.08 -10.88 -38.43
C ALA B 100 30.94 -11.87 -38.65
N LEU B 101 29.71 -11.42 -38.40
CA LEU B 101 28.55 -12.27 -38.61
C LEU B 101 28.52 -12.78 -40.05
N GLU B 102 28.93 -11.93 -41.00
CA GLU B 102 28.98 -12.32 -42.42
C GLU B 102 30.09 -13.33 -42.69
N ARG B 103 31.29 -13.11 -42.13
CA ARG B 103 32.39 -14.04 -42.36
C ARG B 103 32.00 -15.44 -41.94
N VAL B 104 31.25 -15.55 -40.83
CA VAL B 104 30.78 -16.86 -40.42
C VAL B 104 29.61 -17.32 -41.29
N LYS B 105 28.72 -16.39 -41.69
CA LYS B 105 27.57 -16.77 -42.50
C LYS B 105 28.02 -17.45 -43.79
N THR B 106 28.81 -16.74 -44.59
CA THR B 106 29.28 -17.31 -45.84
C THR B 106 30.17 -18.52 -45.61
N ARG B 107 31.04 -18.50 -44.57
CA ARG B 107 31.95 -19.64 -44.35
C ARG B 107 31.25 -20.97 -44.03
N LEU B 108 30.02 -20.96 -43.52
CA LEU B 108 29.34 -22.19 -43.10
C LEU B 108 28.49 -22.81 -44.20
N LYS B 109 28.35 -22.12 -45.33
CA LYS B 109 27.74 -22.66 -46.53
C LYS B 109 28.69 -23.54 -47.37
N GLU B 110 29.93 -23.82 -46.91
CA GLU B 110 30.94 -24.42 -47.76
C GLU B 110 30.91 -25.96 -47.86
N GLY B 111 30.04 -26.67 -47.16
CA GLY B 111 30.04 -28.08 -47.53
C GLY B 111 30.84 -29.04 -46.68
N ASP B 112 32.12 -28.74 -46.42
CA ASP B 112 32.86 -29.47 -45.40
C ASP B 112 32.14 -29.40 -44.06
N CYS B 113 31.12 -28.53 -43.94
CA CYS B 113 30.50 -28.16 -42.68
C CYS B 113 29.13 -28.78 -42.44
N VAL B 114 28.69 -29.75 -43.25
CA VAL B 114 27.37 -30.34 -43.06
C VAL B 114 27.43 -31.62 -42.23
N ASP B 115 28.60 -31.96 -41.68
CA ASP B 115 28.73 -33.12 -40.79
C ASP B 115 28.84 -32.74 -39.31
N LYS B 116 29.31 -31.53 -38.98
CA LYS B 116 29.32 -31.09 -37.59
C LYS B 116 28.04 -30.30 -37.26
N ASP B 117 27.77 -30.16 -35.96
CA ASP B 117 26.46 -29.69 -35.53
C ASP B 117 26.39 -28.16 -35.44
N PHE B 118 27.25 -27.54 -34.64
CA PHE B 118 27.32 -26.07 -34.49
C PHE B 118 26.15 -25.49 -33.69
N GLN B 119 25.39 -26.27 -32.95
CA GLN B 119 24.29 -25.68 -32.19
C GLN B 119 24.79 -24.62 -31.21
N ALA B 120 26.06 -24.71 -30.80
CA ALA B 120 26.64 -23.79 -29.80
C ALA B 120 26.69 -22.35 -30.29
N ILE B 121 26.35 -22.11 -31.55
CA ILE B 121 26.36 -20.73 -32.02
C ILE B 121 25.06 -20.03 -31.67
N PHE B 122 23.99 -20.79 -31.44
CA PHE B 122 22.71 -20.13 -31.29
C PHE B 122 22.69 -19.14 -30.13
N PRO B 123 23.24 -19.44 -28.94
CA PRO B 123 23.31 -18.38 -27.91
C PRO B 123 23.83 -17.07 -28.48
N TYR B 124 24.84 -17.13 -29.34
CA TYR B 124 25.43 -15.89 -29.85
C TYR B 124 24.58 -15.26 -30.93
N CYS B 125 23.86 -16.06 -31.70
CA CYS B 125 22.87 -15.50 -32.59
C CYS B 125 21.74 -14.89 -31.77
N ILE B 126 21.24 -15.65 -30.79
CA ILE B 126 20.20 -15.13 -29.91
C ILE B 126 20.62 -13.78 -29.34
N ALA B 127 21.85 -13.74 -28.80
CA ALA B 127 22.42 -12.50 -28.29
C ALA B 127 22.47 -11.42 -29.35
N ALA B 128 22.92 -11.78 -30.56
CA ALA B 128 23.06 -10.77 -31.59
C ALA B 128 21.71 -10.20 -31.99
N LEU B 129 20.63 -10.96 -31.83
CA LEU B 129 19.35 -10.43 -32.22
C LEU B 129 18.81 -9.39 -31.24
N SER B 130 19.34 -9.33 -30.00
CA SER B 130 18.99 -8.23 -29.09
C SER B 130 19.77 -6.96 -29.38
N ASP B 131 20.71 -6.98 -30.34
CA ASP B 131 21.59 -5.84 -30.57
C ASP B 131 20.79 -4.65 -31.10
N PRO B 132 21.15 -3.42 -30.71
CA PRO B 132 20.42 -2.25 -31.24
C PRO B 132 20.61 -2.03 -32.72
N ALA B 133 21.80 -2.25 -33.26
CA ALA B 133 22.07 -1.93 -34.66
C ALA B 133 21.18 -2.76 -35.58
N LYS B 134 20.43 -2.10 -36.46
CA LYS B 134 19.54 -2.84 -37.35
C LYS B 134 20.33 -3.81 -38.23
N LYS B 135 21.44 -3.34 -38.81
CA LYS B 135 22.23 -4.18 -39.70
C LYS B 135 22.68 -5.45 -38.98
N VAL B 136 23.05 -5.34 -37.70
CA VAL B 136 23.50 -6.53 -36.98
C VAL B 136 22.36 -7.51 -36.81
N ARG B 137 21.16 -7.05 -36.45
CA ARG B 137 20.07 -8.00 -36.26
C ARG B 137 19.81 -8.73 -37.57
N ARG B 138 19.82 -7.99 -38.69
CA ARG B 138 19.59 -8.67 -39.96
C ARG B 138 20.67 -9.69 -40.24
N ALA B 139 21.93 -9.36 -39.88
CA ALA B 139 23.04 -10.27 -40.12
C ALA B 139 22.92 -11.55 -39.31
N ALA B 140 22.61 -11.42 -38.02
CA ALA B 140 22.35 -12.61 -37.22
C ALA B 140 21.14 -13.37 -37.72
N ALA B 141 20.16 -12.67 -38.29
CA ALA B 141 19.00 -13.36 -38.86
C ALA B 141 19.43 -14.30 -39.98
N ASP B 142 20.11 -13.73 -40.99
CA ASP B 142 20.67 -14.49 -42.10
C ASP B 142 21.51 -15.66 -41.62
N LEU B 143 22.33 -15.44 -40.59
CA LEU B 143 23.19 -16.51 -40.07
C LEU B 143 22.36 -17.64 -39.46
N VAL B 144 21.28 -17.30 -38.75
CA VAL B 144 20.41 -18.34 -38.21
C VAL B 144 19.73 -19.10 -39.34
N ALA B 145 19.39 -18.41 -40.42
CA ALA B 145 18.78 -19.12 -41.55
C ALA B 145 19.71 -20.19 -42.07
N VAL B 146 20.97 -19.82 -42.30
CA VAL B 146 21.95 -20.80 -42.78
C VAL B 146 22.17 -21.91 -41.76
N LEU B 147 22.29 -21.58 -40.48
CA LEU B 147 22.40 -22.61 -39.47
C LEU B 147 21.18 -23.54 -39.44
N GLY B 148 20.01 -23.04 -39.80
CA GLY B 148 18.80 -23.85 -39.80
C GLY B 148 18.62 -24.75 -41.00
N SER B 149 19.04 -24.28 -42.17
CA SER B 149 19.03 -25.11 -43.37
C SER B 149 19.89 -26.36 -43.22
N ALA B 150 20.84 -26.35 -42.27
CA ALA B 150 21.90 -27.36 -42.23
C ALA B 150 21.37 -28.78 -42.12
N TYR B 151 20.61 -29.11 -41.07
CA TYR B 151 20.32 -30.55 -40.93
C TYR B 151 19.22 -30.98 -41.89
N LYS B 152 18.03 -30.41 -41.76
CA LYS B 152 16.87 -30.74 -42.62
C LYS B 152 17.23 -30.89 -44.10
N GLN B 159 29.75 -35.44 -32.83
CA GLN B 159 28.85 -34.60 -33.62
C GLN B 159 29.15 -33.10 -33.46
N LEU B 160 29.39 -32.67 -32.23
CA LEU B 160 29.14 -31.29 -31.83
C LEU B 160 30.38 -30.41 -31.92
N TRP B 161 30.22 -29.26 -32.58
CA TRP B 161 31.33 -28.32 -32.76
C TRP B 161 31.70 -27.71 -31.42
N ALA B 162 33.00 -27.74 -31.10
CA ALA B 162 33.52 -27.15 -29.87
C ALA B 162 32.81 -27.71 -28.65
N ALA B 163 32.40 -28.99 -28.76
CA ALA B 163 31.51 -29.60 -27.77
C ALA B 163 32.03 -29.47 -26.35
N LYS B 164 33.34 -29.68 -26.14
CA LYS B 164 33.92 -29.52 -24.82
C LYS B 164 35.09 -28.55 -24.73
N ASP B 165 35.44 -27.81 -25.81
CA ASP B 165 36.63 -26.96 -25.74
C ASP B 165 36.33 -25.48 -25.94
N LEU B 166 35.06 -25.10 -26.18
CA LEU B 166 34.72 -23.76 -26.66
C LEU B 166 35.13 -22.67 -25.68
N TYR B 167 35.10 -22.95 -24.38
CA TYR B 167 35.56 -21.97 -23.41
C TYR B 167 36.89 -22.37 -22.79
N GLY B 168 37.55 -23.36 -23.37
CA GLY B 168 38.78 -23.87 -22.81
C GLY B 168 38.52 -25.16 -22.09
N LYS B 169 38.35 -25.07 -20.77
CA LYS B 169 38.19 -26.26 -19.95
C LYS B 169 36.92 -27.04 -20.33
N THR B 170 35.81 -26.34 -20.58
CA THR B 170 34.54 -26.97 -20.97
C THR B 170 33.94 -26.24 -22.16
N GLY B 171 32.84 -26.81 -22.70
CA GLY B 171 32.20 -26.22 -23.86
C GLY B 171 30.70 -25.95 -23.75
N THR B 172 29.88 -26.65 -24.52
CA THR B 172 28.42 -26.56 -24.43
C THR B 172 27.93 -27.62 -23.43
N THR B 173 27.62 -27.17 -22.20
CA THR B 173 27.55 -28.07 -21.04
C THR B 173 26.36 -29.03 -21.08
N SER B 174 25.18 -28.54 -21.46
CA SER B 174 24.02 -29.43 -21.61
C SER B 174 23.60 -29.32 -23.06
N PRO B 175 24.05 -30.24 -23.92
CA PRO B 175 23.85 -30.07 -25.36
C PRO B 175 22.38 -30.14 -25.70
N LEU B 176 22.07 -29.71 -26.89
CA LEU B 176 20.68 -29.60 -27.28
C LEU B 176 20.30 -30.89 -27.98
N ASP B 177 19.18 -31.46 -27.56
CA ASP B 177 18.67 -32.71 -28.12
C ASP B 177 18.24 -32.50 -29.57
N LYS B 178 18.11 -33.63 -30.29
CA LYS B 178 17.69 -33.64 -31.69
C LYS B 178 16.29 -33.05 -31.84
N ASP B 179 15.34 -33.62 -31.09
CA ASP B 179 13.99 -33.07 -31.09
C ASP B 179 14.00 -31.66 -30.53
N ALA B 180 14.82 -31.43 -29.50
CA ALA B 180 14.95 -30.10 -28.94
C ALA B 180 15.63 -29.15 -29.91
N LEU B 181 16.55 -29.65 -30.74
CA LEU B 181 17.19 -28.77 -31.72
C LEU B 181 16.22 -28.43 -32.85
N LYS B 182 15.55 -29.46 -33.40
CA LYS B 182 14.57 -29.19 -34.44
C LYS B 182 13.48 -28.25 -33.95
N ALA B 183 13.15 -28.33 -32.64
CA ALA B 183 12.20 -27.42 -32.03
C ALA B 183 12.79 -26.03 -31.84
N LEU B 184 14.07 -25.94 -31.47
CA LEU B 184 14.73 -24.65 -31.35
C LEU B 184 14.71 -23.91 -32.68
N ILE B 185 15.22 -24.57 -33.74
CA ILE B 185 15.28 -23.96 -35.07
C ILE B 185 13.87 -23.67 -35.56
N ARG B 186 13.12 -24.75 -35.76
CA ARG B 186 11.87 -24.75 -36.50
C ARG B 186 10.71 -24.17 -35.69
N SER B 187 10.70 -24.36 -34.37
CA SER B 187 9.54 -23.89 -33.61
C SER B 187 9.75 -22.49 -33.04
N VAL B 188 10.92 -22.17 -32.51
CA VAL B 188 11.13 -20.92 -31.79
C VAL B 188 12.05 -19.96 -32.54
N LEU B 189 13.14 -20.44 -33.13
CA LEU B 189 14.12 -19.51 -33.69
C LEU B 189 13.65 -18.91 -35.00
N ILE B 190 13.51 -19.73 -36.04
CA ILE B 190 13.30 -19.19 -37.40
C ILE B 190 12.01 -18.38 -37.56
N PRO B 191 10.89 -18.68 -36.86
CA PRO B 191 9.67 -17.90 -37.13
C PRO B 191 9.71 -16.47 -36.64
N CYS B 192 10.58 -16.15 -35.68
CA CYS B 192 10.65 -14.81 -35.12
C CYS B 192 11.74 -13.94 -35.72
N LEU B 193 12.32 -14.34 -36.84
CA LEU B 193 13.47 -13.58 -37.34
C LEU B 193 13.04 -12.20 -37.81
N GLU B 194 11.96 -12.11 -38.57
CA GLU B 194 11.64 -10.85 -39.24
C GLU B 194 11.32 -9.75 -38.25
N GLU B 195 10.42 -10.03 -37.31
CA GLU B 195 10.11 -9.02 -36.31
C GLU B 195 11.30 -8.75 -35.40
N SER B 196 12.17 -9.76 -35.23
CA SER B 196 13.40 -9.53 -34.46
C SER B 196 14.31 -8.55 -35.17
N VAL B 197 14.31 -8.54 -36.50
CA VAL B 197 15.07 -7.51 -37.19
C VAL B 197 14.35 -6.17 -37.03
N LEU B 198 13.01 -6.19 -36.97
CA LEU B 198 12.23 -4.95 -36.89
C LEU B 198 12.30 -4.32 -35.49
N HIS B 199 12.18 -5.12 -34.43
CA HIS B 199 12.08 -4.56 -33.09
C HIS B 199 13.23 -5.10 -32.27
N GLU B 200 14.13 -4.19 -31.88
CA GLU B 200 15.35 -4.45 -31.11
C GLU B 200 15.08 -5.22 -29.82
N ASP B 201 13.81 -5.30 -29.44
CA ASP B 201 13.38 -5.98 -28.23
C ASP B 201 12.70 -7.30 -28.47
N HIS B 202 12.25 -7.55 -29.69
CA HIS B 202 11.26 -8.60 -29.93
C HIS B 202 11.81 -9.99 -29.62
N VAL B 203 13.12 -10.12 -29.53
CA VAL B 203 13.72 -11.44 -29.36
C VAL B 203 13.47 -11.98 -27.95
N VAL B 204 13.73 -11.17 -26.92
CA VAL B 204 13.51 -11.64 -25.56
C VAL B 204 12.06 -12.06 -25.39
N ALA B 205 11.12 -11.19 -25.81
CA ALA B 205 9.71 -11.53 -25.77
C ALA B 205 9.45 -12.86 -26.45
N ALA B 206 9.90 -12.99 -27.70
CA ALA B 206 9.66 -14.20 -28.47
C ALA B 206 10.19 -15.44 -27.76
N LEU B 207 11.47 -15.41 -27.33
CA LEU B 207 12.10 -16.58 -26.70
C LEU B 207 11.41 -16.98 -25.39
N VAL B 208 10.94 -15.99 -24.60
CA VAL B 208 10.20 -16.29 -23.37
C VAL B 208 8.88 -16.96 -23.72
N GLY B 209 8.12 -16.35 -24.63
CA GLY B 209 6.87 -16.91 -25.10
C GLY B 209 7.04 -18.26 -25.74
N ALA B 210 8.26 -18.62 -26.06
CA ALA B 210 8.55 -19.96 -26.55
C ALA B 210 8.83 -20.93 -25.42
N LEU B 211 9.55 -20.52 -24.36
CA LEU B 211 9.94 -21.47 -23.33
C LEU B 211 8.90 -21.66 -22.22
N GLU B 212 7.90 -20.79 -22.14
CA GLU B 212 6.83 -20.90 -21.14
C GLU B 212 5.92 -22.15 -21.28
N LEU B 227 7.79 -24.92 -28.71
CA LEU B 227 6.35 -25.12 -28.53
C LEU B 227 6.13 -26.47 -27.88
N SER B 228 7.18 -27.29 -27.86
CA SER B 228 7.12 -28.64 -27.30
C SER B 228 7.30 -28.62 -25.79
N HIS B 229 6.83 -29.68 -25.14
CA HIS B 229 6.86 -29.69 -23.67
C HIS B 229 8.27 -29.98 -23.14
N SER B 230 8.98 -30.96 -23.70
CA SER B 230 10.32 -31.21 -23.22
C SER B 230 11.37 -30.45 -24.02
N ALA B 231 10.99 -29.94 -25.19
CA ALA B 231 11.87 -29.04 -25.93
C ALA B 231 12.08 -27.72 -25.20
N ARG B 232 11.00 -27.14 -24.63
CA ARG B 232 11.20 -26.00 -23.76
C ARG B 232 12.25 -26.29 -22.70
N LEU B 233 12.20 -27.48 -22.10
CA LEU B 233 13.18 -27.82 -21.07
C LEU B 233 14.61 -27.92 -21.62
N SER B 234 14.79 -28.57 -22.77
CA SER B 234 16.16 -28.74 -23.28
C SER B 234 16.74 -27.43 -23.80
N ILE B 235 15.95 -26.66 -24.55
CA ILE B 235 16.35 -25.30 -24.93
C ILE B 235 16.71 -24.49 -23.68
N PHE B 236 15.85 -24.57 -22.65
CA PHE B 236 16.07 -23.85 -21.40
C PHE B 236 17.40 -24.21 -20.76
N LYS B 237 17.63 -25.50 -20.50
CA LYS B 237 18.90 -25.91 -19.91
C LYS B 237 20.08 -25.46 -20.77
N PHE B 238 19.96 -25.62 -22.09
CA PHE B 238 21.02 -25.28 -23.04
C PHE B 238 21.40 -23.81 -22.93
N LEU B 239 20.43 -22.92 -23.16
CA LEU B 239 20.67 -21.50 -22.94
C LEU B 239 21.34 -21.25 -21.60
N CYS B 240 20.76 -21.78 -20.52
CA CYS B 240 21.25 -21.45 -19.18
C CYS B 240 22.72 -21.84 -19.02
N GLY B 241 23.05 -23.07 -19.42
CA GLY B 241 24.44 -23.50 -19.36
C GLY B 241 25.39 -22.56 -20.10
N HIS B 242 25.01 -22.16 -21.34
CA HIS B 242 25.91 -21.24 -22.03
C HIS B 242 26.02 -19.91 -21.29
N VAL B 243 24.94 -19.48 -20.64
CA VAL B 243 24.97 -18.22 -19.88
C VAL B 243 25.95 -18.32 -18.71
N VAL B 244 25.93 -19.45 -17.98
CA VAL B 244 26.91 -19.69 -16.92
C VAL B 244 28.34 -19.67 -17.43
N GLU B 245 28.59 -20.28 -18.60
CA GLU B 245 29.96 -20.65 -18.94
C GLU B 245 30.73 -19.63 -19.79
N THR B 246 30.09 -18.78 -20.59
CA THR B 246 30.86 -17.84 -21.42
C THR B 246 31.69 -16.89 -20.54
N PRO B 247 32.68 -16.24 -21.15
CA PRO B 247 33.31 -15.07 -20.51
C PRO B 247 32.68 -13.75 -20.93
N LEU B 248 31.71 -13.76 -21.83
CA LEU B 248 31.13 -12.53 -22.37
C LEU B 248 29.96 -12.05 -21.51
N LEU B 249 30.23 -11.09 -20.63
CA LEU B 249 29.18 -10.50 -19.81
C LEU B 249 28.03 -10.00 -20.68
N ALA B 250 28.36 -9.45 -21.85
CA ALA B 250 27.31 -8.96 -22.74
C ALA B 250 26.34 -10.08 -23.12
N VAL B 251 26.87 -11.25 -23.46
CA VAL B 251 26.01 -12.37 -23.84
C VAL B 251 25.15 -12.79 -22.65
N LYS B 252 25.77 -12.87 -21.48
CA LYS B 252 25.05 -13.16 -20.25
C LYS B 252 23.83 -12.24 -20.10
N LEU B 253 24.04 -10.93 -20.18
CA LEU B 253 22.94 -9.97 -20.05
C LEU B 253 21.85 -10.24 -21.09
N ARG B 254 22.19 -10.11 -22.39
CA ARG B 254 21.17 -10.24 -23.42
C ARG B 254 20.37 -11.54 -23.31
N LEU B 255 21.05 -12.64 -22.98
CA LEU B 255 20.33 -13.88 -22.81
C LEU B 255 19.48 -13.83 -21.56
N LEU B 256 19.92 -13.07 -20.57
CA LEU B 256 19.23 -13.01 -19.29
C LEU B 256 17.99 -12.13 -19.35
N ARG B 257 18.01 -11.07 -20.20
CA ARG B 257 16.83 -10.23 -20.40
C ARG B 257 15.58 -11.07 -20.59
N SER B 258 15.72 -12.23 -21.25
CA SER B 258 14.64 -13.18 -21.46
C SER B 258 14.70 -14.35 -20.50
N LEU B 259 15.88 -14.98 -20.39
CA LEU B 259 16.03 -16.18 -19.59
C LEU B 259 15.58 -15.96 -18.14
N ASN B 260 15.94 -14.81 -17.55
CA ASN B 260 15.58 -14.52 -16.16
C ASN B 260 14.08 -14.40 -15.92
N GLN B 261 13.29 -14.00 -16.92
CA GLN B 261 11.85 -13.81 -16.68
C GLN B 261 11.01 -15.08 -16.86
N ILE B 262 11.54 -16.21 -16.38
CA ILE B 262 10.91 -17.54 -16.43
C ILE B 262 11.14 -18.20 -15.08
N ARG B 263 10.10 -18.24 -14.24
CA ARG B 263 10.27 -18.72 -12.87
C ARG B 263 10.58 -20.22 -12.84
N ARG B 264 9.84 -21.03 -13.60
CA ARG B 264 10.03 -22.48 -13.52
C ARG B 264 9.60 -23.14 -14.83
N ILE B 265 10.20 -24.29 -15.12
CA ILE B 265 9.77 -25.14 -16.23
C ILE B 265 9.89 -26.60 -15.79
N SER B 266 8.76 -27.26 -15.62
CA SER B 266 8.69 -28.69 -15.30
C SER B 266 9.65 -29.09 -14.18
N GLY B 267 9.43 -28.50 -13.01
CA GLY B 267 10.11 -28.93 -11.80
C GLY B 267 11.52 -28.43 -11.61
N THR B 268 12.08 -27.67 -12.55
CA THR B 268 13.43 -27.12 -12.40
C THR B 268 13.34 -25.61 -12.57
N THR B 269 13.75 -24.89 -11.53
CA THR B 269 13.73 -23.42 -11.54
C THR B 269 14.97 -22.89 -12.22
N ARG B 270 14.82 -21.76 -12.90
CA ARG B 270 16.00 -21.13 -13.51
C ARG B 270 17.10 -20.91 -12.49
N THR B 271 16.73 -20.60 -11.24
CA THR B 271 17.74 -20.48 -10.21
C THR B 271 18.49 -21.78 -10.05
N ASP B 272 17.77 -22.86 -10.20
CA ASP B 272 18.33 -24.17 -10.01
C ASP B 272 19.38 -24.44 -11.07
N LEU B 273 19.32 -23.69 -12.17
CA LEU B 273 20.24 -23.72 -13.30
C LEU B 273 21.32 -22.63 -13.27
N LEU B 274 21.08 -21.49 -12.64
CA LEU B 274 21.96 -20.32 -12.79
C LEU B 274 22.63 -19.91 -11.50
N LEU B 275 22.32 -20.55 -10.38
CA LEU B 275 22.88 -20.13 -9.09
C LEU B 275 24.41 -20.02 -9.09
N PRO B 276 25.17 -20.89 -9.77
CA PRO B 276 26.62 -20.71 -9.75
C PRO B 276 27.06 -19.44 -10.46
N LEU B 277 26.26 -18.92 -11.40
CA LEU B 277 26.55 -17.59 -11.95
C LEU B 277 26.59 -16.56 -10.82
N LEU B 278 25.57 -16.60 -9.95
CA LEU B 278 25.55 -15.70 -8.80
C LEU B 278 26.76 -15.91 -7.89
N ARG B 279 27.12 -17.17 -7.59
CA ARG B 279 28.26 -17.38 -6.68
C ARG B 279 29.58 -16.90 -7.33
N TRP B 280 29.78 -17.16 -8.62
CA TRP B 280 30.95 -16.63 -9.30
C TRP B 280 31.00 -15.10 -9.24
N TRP B 281 29.91 -14.44 -9.65
CA TRP B 281 29.89 -12.97 -9.74
C TRP B 281 30.06 -12.32 -8.37
N ALA B 282 29.44 -12.90 -7.35
CA ALA B 282 29.53 -12.32 -6.01
C ALA B 282 30.94 -12.46 -5.47
N GLY B 283 31.60 -13.56 -5.81
CA GLY B 283 32.93 -13.79 -5.29
C GLY B 283 33.98 -12.82 -5.78
N LEU B 284 33.79 -12.22 -6.95
CA LEU B 284 34.91 -11.43 -7.44
C LEU B 284 34.89 -10.03 -6.81
N SER B 285 36.08 -9.47 -6.66
CA SER B 285 36.31 -8.18 -6.03
C SER B 285 35.68 -7.03 -6.82
N ALA B 286 35.65 -5.85 -6.17
CA ALA B 286 35.23 -4.62 -6.85
C ALA B 286 36.14 -4.32 -8.04
N ASN B 287 37.45 -4.46 -7.85
CA ASN B 287 38.39 -4.38 -8.97
C ASN B 287 37.99 -5.36 -10.05
N GLU B 288 37.88 -6.63 -9.69
CA GLU B 288 37.63 -7.69 -10.65
C GLU B 288 36.41 -7.40 -11.52
N ALA B 289 35.31 -6.96 -10.87
CA ALA B 289 34.06 -6.68 -11.57
C ALA B 289 34.17 -5.43 -12.43
N ALA B 290 34.76 -4.37 -11.87
CA ALA B 290 34.97 -3.17 -12.66
C ALA B 290 35.79 -3.48 -13.90
N GLU B 291 36.74 -4.40 -13.76
CA GLU B 291 37.70 -4.70 -14.82
C GLU B 291 37.07 -5.53 -15.93
N LEU B 292 36.45 -6.67 -15.60
CA LEU B 292 35.73 -7.40 -16.64
C LEU B 292 34.69 -6.53 -17.32
N ALA B 293 33.96 -5.72 -16.53
CA ALA B 293 32.94 -4.88 -17.10
C ALA B 293 33.54 -3.87 -18.07
N ALA B 294 34.61 -3.21 -17.64
CA ALA B 294 35.28 -2.25 -18.51
C ALA B 294 35.72 -2.92 -19.81
N GLN B 295 36.30 -4.12 -19.71
CA GLN B 295 36.77 -4.80 -20.91
C GLN B 295 35.65 -4.97 -21.91
N GLU B 296 34.42 -5.18 -21.45
CA GLU B 296 33.32 -5.32 -22.40
C GLU B 296 32.49 -4.04 -22.53
N SER B 297 32.87 -2.98 -21.81
CA SER B 297 32.12 -1.72 -21.78
C SER B 297 30.64 -1.94 -21.43
N VAL B 298 30.41 -2.64 -20.32
CA VAL B 298 29.09 -2.81 -19.72
C VAL B 298 29.15 -2.30 -18.28
N ASP B 299 27.97 -2.06 -17.69
CA ASP B 299 27.86 -1.40 -16.39
C ASP B 299 27.74 -2.43 -15.28
N VAL B 300 28.64 -2.34 -14.29
CA VAL B 300 28.57 -3.27 -13.16
C VAL B 300 27.18 -3.37 -12.56
N PRO B 301 26.48 -2.25 -12.26
CA PRO B 301 25.15 -2.37 -11.63
C PRO B 301 24.22 -3.27 -12.41
N ALA B 302 24.18 -3.09 -13.74
CA ALA B 302 23.32 -3.91 -14.58
C ALA B 302 23.58 -5.38 -14.37
N ILE B 303 24.85 -5.75 -14.25
CA ILE B 303 25.20 -7.14 -13.97
C ILE B 303 24.70 -7.53 -12.57
N ASP B 304 24.99 -6.72 -11.55
CA ASP B 304 24.48 -7.02 -10.21
C ASP B 304 23.00 -7.35 -10.27
N ASP B 305 22.21 -6.41 -10.77
CA ASP B 305 20.77 -6.60 -10.93
C ASP B 305 20.45 -7.91 -11.66
N ALA B 306 21.12 -8.14 -12.78
CA ALA B 306 20.83 -9.34 -13.58
C ALA B 306 21.20 -10.62 -12.84
N VAL B 307 22.34 -10.62 -12.16
CA VAL B 307 22.75 -11.80 -11.41
C VAL B 307 21.79 -12.08 -10.28
N VAL B 308 21.37 -11.04 -9.57
CA VAL B 308 20.53 -11.25 -8.40
C VAL B 308 19.15 -11.69 -8.83
N ASP B 309 18.65 -11.17 -9.97
CA ASP B 309 17.40 -11.65 -10.55
C ASP B 309 17.41 -13.15 -10.92
N VAL B 310 18.54 -13.85 -10.80
CA VAL B 310 18.52 -15.30 -11.03
C VAL B 310 17.67 -16.05 -9.99
N VAL B 311 17.69 -15.60 -8.74
CA VAL B 311 17.04 -16.32 -7.64
C VAL B 311 15.53 -16.08 -7.68
N VAL B 312 14.77 -17.16 -7.66
CA VAL B 312 13.31 -17.12 -7.65
C VAL B 312 12.80 -16.96 -6.22
N PRO B 313 11.53 -16.60 -6.04
CA PRO B 313 11.00 -16.39 -4.69
C PRO B 313 11.17 -17.57 -3.75
N ASN B 314 10.48 -18.68 -4.01
CA ASN B 314 10.45 -19.73 -2.99
C ASN B 314 11.51 -20.77 -3.24
N HIS B 315 12.75 -20.30 -3.39
CA HIS B 315 13.92 -21.14 -3.61
C HIS B 315 14.77 -21.07 -2.36
N ALA B 316 14.69 -22.12 -1.53
CA ALA B 316 15.42 -22.14 -0.28
C ALA B 316 16.91 -21.93 -0.50
N ALA B 317 17.51 -22.69 -1.42
CA ALA B 317 18.95 -22.63 -1.58
C ALA B 317 19.40 -21.28 -2.13
N GLY B 318 18.62 -20.69 -3.04
CA GLY B 318 18.98 -19.38 -3.58
C GLY B 318 18.96 -18.31 -2.51
N LEU B 319 17.92 -18.34 -1.68
CA LEU B 319 17.83 -17.46 -0.53
C LEU B 319 19.03 -17.67 0.41
N GLU B 320 19.37 -18.93 0.70
CA GLU B 320 20.51 -19.16 1.57
C GLU B 320 21.76 -18.60 0.95
N ALA B 321 21.93 -18.79 -0.35
CA ALA B 321 23.10 -18.26 -1.03
C ALA B 321 23.15 -16.74 -0.84
N PHE B 322 22.02 -16.07 -1.03
CA PHE B 322 21.93 -14.64 -0.72
C PHE B 322 22.47 -14.33 0.67
N PHE B 323 21.93 -15.02 1.68
CA PHE B 323 22.29 -14.66 3.06
C PHE B 323 23.76 -14.97 3.33
N GLN B 324 24.25 -16.09 2.79
CA GLN B 324 25.65 -16.43 2.93
C GLN B 324 26.51 -15.34 2.33
N LEU B 325 26.20 -14.99 1.08
CA LEU B 325 27.02 -14.04 0.33
C LEU B 325 27.08 -12.69 1.02
N VAL B 326 25.95 -12.26 1.61
CA VAL B 326 25.98 -10.96 2.26
C VAL B 326 26.78 -11.04 3.56
N LYS B 327 26.80 -12.21 4.22
CA LYS B 327 27.67 -12.30 5.41
C LYS B 327 29.15 -12.23 5.06
N GLU B 328 29.55 -12.75 3.88
CA GLU B 328 30.93 -12.66 3.38
C GLU B 328 31.18 -11.29 2.74
N ALA B 329 32.42 -10.81 2.80
CA ALA B 329 32.68 -9.47 2.30
C ALA B 329 32.44 -9.40 0.80
N ILE B 330 31.69 -8.40 0.37
CA ILE B 330 31.25 -8.33 -1.02
C ILE B 330 31.11 -6.89 -1.49
N ARG B 331 31.03 -6.75 -2.81
CA ARG B 331 30.87 -5.45 -3.42
C ARG B 331 29.58 -4.81 -2.90
N PRO B 332 29.61 -3.53 -2.50
CA PRO B 332 28.38 -2.90 -1.95
C PRO B 332 27.20 -2.88 -2.90
N GLY B 333 27.39 -2.45 -4.15
CA GLY B 333 26.30 -2.49 -5.11
C GLY B 333 25.63 -3.84 -5.16
N LEU B 334 26.42 -4.90 -5.01
CA LEU B 334 25.87 -6.24 -4.95
C LEU B 334 25.05 -6.45 -3.67
N LEU B 335 25.55 -5.97 -2.53
CA LEU B 335 24.84 -6.10 -1.26
C LEU B 335 23.45 -5.49 -1.38
N GLN B 336 23.41 -4.21 -1.77
CA GLN B 336 22.19 -3.49 -2.10
C GLN B 336 21.29 -4.30 -3.03
N ALA B 337 21.85 -4.80 -4.14
CA ALA B 337 21.03 -5.51 -5.13
C ALA B 337 20.41 -6.76 -4.52
N ILE B 338 21.16 -7.44 -3.68
CA ILE B 338 20.65 -8.66 -3.07
C ILE B 338 19.48 -8.35 -2.17
N PHE B 339 19.65 -7.39 -1.24
CA PHE B 339 18.55 -7.11 -0.32
C PHE B 339 17.31 -6.64 -1.08
N ALA B 340 17.49 -5.65 -1.97
CA ALA B 340 16.37 -5.20 -2.78
C ALA B 340 15.69 -6.36 -3.50
N ARG B 341 16.46 -7.34 -3.96
CA ARG B 341 15.81 -8.50 -4.56
C ARG B 341 15.00 -9.25 -3.51
N ILE B 342 15.52 -9.38 -2.29
CA ILE B 342 14.76 -10.08 -1.25
C ILE B 342 13.42 -9.38 -1.03
N ALA B 343 13.44 -8.05 -0.88
CA ALA B 343 12.21 -7.25 -0.88
C ALA B 343 11.27 -7.62 -2.02
N LYS B 344 11.70 -7.42 -3.28
CA LYS B 344 10.82 -7.70 -4.42
C LYS B 344 10.25 -9.10 -4.34
N MET B 345 11.08 -10.06 -3.95
CA MET B 345 10.68 -11.45 -3.79
C MET B 345 9.65 -11.63 -2.67
N TRP B 346 9.58 -10.70 -1.73
CA TRP B 346 8.75 -10.90 -0.54
C TRP B 346 7.27 -11.14 -0.86
N PRO B 347 6.60 -10.32 -1.68
CA PRO B 347 5.16 -10.54 -1.89
C PRO B 347 4.82 -11.93 -2.38
N SER B 348 5.65 -12.54 -3.22
CA SER B 348 5.32 -13.87 -3.73
C SER B 348 5.95 -14.97 -2.88
N MET B 349 6.73 -14.62 -1.87
CA MET B 349 7.17 -15.62 -0.90
C MET B 349 5.92 -16.26 -0.27
N LYS B 350 5.95 -17.57 -0.10
CA LYS B 350 4.83 -18.19 0.59
C LYS B 350 4.87 -17.81 2.07
N SER B 351 3.76 -18.08 2.77
CA SER B 351 3.56 -17.62 4.15
C SER B 351 4.69 -18.06 5.07
N ASP B 352 4.97 -19.37 5.12
CA ASP B 352 5.92 -19.88 6.10
C ASP B 352 7.35 -19.50 5.74
N THR B 353 7.69 -19.45 4.47
CA THR B 353 9.03 -19.00 4.14
C THR B 353 9.18 -17.49 4.36
N LYS B 354 8.08 -16.73 4.23
CA LYS B 354 8.05 -15.34 4.65
C LYS B 354 8.42 -15.19 6.12
N TYR B 355 7.80 -16.01 6.96
CA TYR B 355 8.14 -16.01 8.37
C TYR B 355 9.62 -16.32 8.55
N SER B 356 10.10 -17.38 7.89
CA SER B 356 11.49 -17.80 8.02
C SER B 356 12.46 -16.71 7.58
N THR B 357 12.15 -16.02 6.46
CA THR B 357 12.98 -14.93 5.97
C THR B 357 13.01 -13.78 6.97
N ALA B 358 11.89 -13.54 7.66
CA ALA B 358 11.89 -12.53 8.71
C ALA B 358 12.72 -12.99 9.91
N LYS B 359 12.61 -14.26 10.30
CA LYS B 359 13.48 -14.80 11.35
C LYS B 359 14.94 -14.54 11.02
N THR B 360 15.37 -14.87 9.79
CA THR B 360 16.78 -14.67 9.45
C THR B 360 17.13 -13.20 9.49
N LEU B 361 16.36 -12.36 8.80
CA LEU B 361 16.62 -10.92 8.83
C LEU B 361 16.77 -10.40 10.26
N PHE B 362 15.87 -10.81 11.16
CA PHE B 362 15.96 -10.42 12.56
C PHE B 362 17.28 -10.87 13.17
N GLU B 363 17.55 -12.18 13.11
CA GLU B 363 18.77 -12.74 13.69
C GLU B 363 19.99 -12.06 13.14
N LEU B 364 19.94 -11.71 11.86
CA LEU B 364 21.00 -10.99 11.20
C LEU B 364 21.17 -9.61 11.83
N THR B 365 20.07 -8.92 12.11
CA THR B 365 20.19 -7.65 12.83
C THR B 365 20.85 -7.86 14.19
N GLN B 366 20.62 -9.02 14.79
CA GLN B 366 21.10 -9.35 16.14
C GLN B 366 22.50 -9.97 16.17
N ASP B 367 23.13 -10.22 15.02
CA ASP B 367 24.41 -10.93 14.99
C ASP B 367 25.52 -10.10 15.62
N PRO B 368 26.30 -10.67 16.54
CA PRO B 368 27.34 -9.87 17.20
C PRO B 368 28.45 -9.41 16.28
N LYS B 369 28.88 -10.25 15.35
CA LYS B 369 30.02 -9.90 14.50
C LYS B 369 29.68 -8.73 13.59
N LEU B 370 28.55 -8.81 12.86
CA LEU B 370 28.15 -7.72 11.98
C LEU B 370 27.89 -6.44 12.75
N ASN B 371 27.35 -6.58 13.96
CA ASN B 371 27.14 -5.41 14.80
C ASN B 371 28.47 -4.78 15.15
N ALA B 372 29.46 -5.61 15.51
CA ALA B 372 30.78 -5.05 15.76
C ALA B 372 31.33 -4.35 14.53
N GLU B 373 31.19 -4.99 13.36
CA GLU B 373 31.63 -4.33 12.13
C GLU B 373 30.84 -3.07 11.87
N GLN B 374 29.66 -2.95 12.47
CA GLN B 374 28.61 -2.02 12.07
C GLN B 374 28.50 -1.95 10.56
N SER B 375 28.46 -3.13 9.98
CA SER B 375 28.37 -3.27 8.55
C SER B 375 27.04 -2.73 8.07
N ASP B 376 27.01 -2.35 6.81
CA ASP B 376 25.76 -1.96 6.20
C ASP B 376 24.81 -3.12 6.03
N VAL B 377 25.23 -4.34 6.35
CA VAL B 377 24.28 -5.46 6.28
C VAL B 377 23.13 -5.22 7.22
N ILE B 378 23.43 -4.76 8.45
CA ILE B 378 22.38 -4.46 9.41
C ILE B 378 21.37 -3.48 8.81
N THR B 379 21.85 -2.31 8.39
CA THR B 379 20.93 -1.28 7.93
C THR B 379 20.11 -1.78 6.73
N GLU B 380 20.73 -2.51 5.81
CA GLU B 380 19.98 -3.03 4.66
C GLU B 380 18.90 -4.02 5.11
N ALA B 381 19.23 -4.86 6.09
CA ALA B 381 18.26 -5.82 6.61
C ALA B 381 17.10 -5.13 7.27
N VAL B 382 17.39 -4.11 8.11
CA VAL B 382 16.29 -3.40 8.74
C VAL B 382 15.41 -2.74 7.67
N GLU B 383 16.04 -2.21 6.61
CA GLU B 383 15.24 -1.63 5.54
C GLU B 383 14.32 -2.66 4.88
N VAL B 384 14.77 -3.91 4.73
CA VAL B 384 13.84 -4.95 4.29
C VAL B 384 12.70 -5.04 5.27
N LEU B 385 13.02 -5.13 6.56
CA LEU B 385 11.95 -5.28 7.55
C LEU B 385 11.00 -4.09 7.58
N ARG B 386 11.42 -2.91 7.13
CA ARG B 386 10.48 -1.80 7.00
C ARG B 386 9.63 -1.99 5.76
N LYS B 387 10.27 -1.96 4.57
CA LYS B 387 9.55 -1.95 3.30
C LYS B 387 8.57 -3.10 3.10
N VAL B 388 8.65 -4.18 3.87
CA VAL B 388 7.80 -5.34 3.57
C VAL B 388 6.50 -5.24 4.37
N ASP B 389 5.47 -5.90 3.85
CA ASP B 389 4.24 -6.08 4.61
C ASP B 389 4.43 -7.27 5.54
N LEU B 390 4.45 -7.01 6.85
CA LEU B 390 4.67 -8.08 7.80
C LEU B 390 3.37 -8.84 8.07
N THR B 391 3.51 -10.03 8.65
CA THR B 391 2.35 -10.82 9.00
C THR B 391 2.19 -10.89 10.51
N THR B 392 0.99 -11.29 10.93
CA THR B 392 0.72 -11.43 12.36
C THR B 392 1.80 -12.22 13.05
N ASP B 393 2.16 -13.36 12.44
CA ASP B 393 3.12 -14.27 13.06
C ASP B 393 4.48 -13.62 13.21
N ILE B 394 4.96 -12.96 12.16
CA ILE B 394 6.22 -12.25 12.23
C ILE B 394 6.21 -11.27 13.39
N LEU B 395 5.09 -10.57 13.56
CA LEU B 395 4.97 -9.60 14.63
C LEU B 395 5.08 -10.27 15.98
N HIS B 396 4.40 -11.40 16.19
CA HIS B 396 4.61 -12.12 17.43
C HIS B 396 6.06 -12.52 17.64
N TYR B 397 6.76 -12.93 16.57
CA TYR B 397 8.20 -13.19 16.71
C TYR B 397 8.91 -11.96 17.25
N PHE B 398 8.61 -10.79 16.70
CA PHE B 398 9.26 -9.57 17.17
C PHE B 398 8.93 -9.25 18.62
N ILE B 399 7.69 -9.51 19.04
CA ILE B 399 7.29 -9.17 20.40
C ILE B 399 7.96 -10.07 21.41
N ASP B 400 7.83 -11.39 21.22
CA ASP B 400 8.27 -12.41 22.17
C ASP B 400 9.78 -12.42 22.45
N SER B 401 10.58 -11.71 21.64
CA SER B 401 11.99 -11.44 21.96
C SER B 401 12.52 -10.41 20.97
#